data_4PXL
#
_entry.id   4PXL
#
_cell.length_a   109.860
_cell.length_b   126.080
_cell.length_c   78.310
_cell.angle_alpha   90.00
_cell.angle_beta   90.00
_cell.angle_gamma   90.00
#
_symmetry.space_group_name_H-M   'P 21 21 2'
#
loop_
_entity.id
_entity.type
_entity.pdbx_description
1 polymer 'Cytosolic aldehyde dehydrogenase RF2C'
2 polymer 'Cytosolic aldehyde dehydrogenase RF2C'
3 non-polymer NICOTINAMIDE-ADENINE-DINUCLEOTIDE
4 non-polymer 1,2-ETHANEDIOL
5 non-polymer DI(HYDROXYETHYL)ETHER
6 non-polymer 'SODIUM ION'
7 non-polymer 'CALCIUM ION'
8 water water
#
loop_
_entity_poly.entity_id
_entity_poly.type
_entity_poly.pdbx_seq_one_letter_code
_entity_poly.pdbx_strand_id
1 'polypeptide(L)'
;MGSSHHHHHHSQDPNSATANGSSKGSFEVPKVEVRFTKLFIDGKFVDAVSGKTFETRDPRTGEVIASIAEGDKADVDLAV
KAAREAFDNGPWPRMTGYERGRILHRFADLIDEHVEELAALDTVDAGKLFAVGKARDIPGAAHLLRYYAGAADKVHGATL
KMAQRMHGYTLKEPVGVVGHIVPWNYPTTMFFFKVGPALAAGCAVVVKPAEQTPLSALFYAHLAREAGVPAGVLNVVPGF
GPTAGAAVAAHMDVDKVSFTGSTEVGRLVMRAAAESNLKPVSLELGGKSPVIVFDDADLDMAVNLVNFATYTNKGEI
(CSO)VAGTRIYVQEGIYDEFVKKAAELASKSVVGDPFNPSVSQGPQVDKDQYEKVLRYIDIGKREGATLVTGGKPCGDK
GYYIEPTIFTDVKDDMTIAQDEIFGPVMALMKFKTVEEVIQKANNTRYGLAAGIVTKNIDVANTVSRSIRAGAIWINCYF
AFDPDAPFGGYKMSGFGKDMGMDALDKYLQTKTVVTPLYNTPWL
;
A
2 'polypeptide(L)'
;MGSSHHHHHHSQDPNSATANGSSKGSFEVPKVEVRFTKLFIDGKFVDAVSGKTFETRDPRTGEVIASIAEGDKADVDLAV
KAAREAFDNGPWPRMTGYERGRILHRFADLIDEHVEELAALDTVDAGKLFAVGKARDIPGAAHLLRYYAGAADKVHGATL
KMAQRMHGYTLKEPVGVVGHIVPWNYPTTMFFFKVGPALAAGCAVVVKPAEQTPLSALFYAHLAREAGVPAGVLNVVPGF
GPTAGAAVAAHMDVDKVSFTGSTEVGRLVMRAAAESNLKPVSLELGGKSPVIVFDDADLDMAVNLVNFATYTNKGEICVA
GTRIYVQEGIYDEFVKKAAELASKSVVGDPFNPSVSQGPQVDKDQYEKVLRYIDIGKREGATLVTGGKPCGDKGYYIEPT
IFTDVKDDMTIAQDEIFGPVMALMKFKTVEEVIQKANNTRYGLAAGIVTKNIDVANTVSRSIRAGAIWINCYFAFDPDAP
FGGYKMSGFGKDMGMDALDKYLQTKTVVTPLYNTPWL
;
B
#
loop_
_chem_comp.id
_chem_comp.type
_chem_comp.name
_chem_comp.formula
CA non-polymer 'CALCIUM ION' 'Ca 2'
EDO non-polymer 1,2-ETHANEDIOL 'C2 H6 O2'
NA non-polymer 'SODIUM ION' 'Na 1'
NAD non-polymer NICOTINAMIDE-ADENINE-DINUCLEOTIDE 'C21 H27 N7 O14 P2'
PEG non-polymer DI(HYDROXYETHYL)ETHER 'C4 H10 O3'
#
# COMPACT_ATOMS: atom_id res chain seq x y z
N VAL A 32 1.69 -18.81 37.38
CA VAL A 32 2.55 -18.46 36.23
C VAL A 32 3.55 -17.37 36.61
N GLU A 33 4.85 -17.62 36.35
CA GLU A 33 5.92 -16.68 36.67
C GLU A 33 6.28 -15.79 35.52
N VAL A 34 6.60 -14.54 35.80
CA VAL A 34 7.01 -13.58 34.78
C VAL A 34 8.45 -13.16 35.06
N ARG A 35 9.37 -13.45 34.12
CA ARG A 35 10.75 -13.06 34.29
C ARG A 35 11.18 -11.92 33.36
N PHE A 36 10.41 -11.65 32.30
CA PHE A 36 10.71 -10.57 31.36
C PHE A 36 9.66 -9.49 31.47
N THR A 37 10.03 -8.38 32.13
CA THR A 37 9.15 -7.26 32.46
C THR A 37 9.64 -5.91 31.96
N LYS A 38 10.88 -5.82 31.42
CA LYS A 38 11.44 -4.55 30.96
C LYS A 38 11.29 -4.32 29.47
N LEU A 39 11.67 -3.14 28.97
CA LEU A 39 11.66 -2.88 27.52
C LEU A 39 12.86 -3.58 26.91
N PHE A 40 12.78 -3.95 25.63
CA PHE A 40 13.92 -4.55 24.97
C PHE A 40 14.34 -3.62 23.87
N ILE A 41 15.43 -2.87 24.14
CA ILE A 41 15.98 -1.87 23.21
C ILE A 41 17.46 -2.11 23.05
N ASP A 42 17.93 -2.18 21.79
CA ASP A 42 19.34 -2.36 21.45
C ASP A 42 19.99 -3.62 22.05
N GLY A 43 19.25 -4.73 22.02
CA GLY A 43 19.74 -6.01 22.50
C GLY A 43 19.80 -6.16 24.00
N LYS A 44 19.17 -5.23 24.71
CA LYS A 44 19.18 -5.16 26.18
C LYS A 44 17.80 -4.96 26.74
N PHE A 45 17.57 -5.54 27.93
CA PHE A 45 16.34 -5.34 28.69
C PHE A 45 16.60 -4.12 29.57
N VAL A 46 15.82 -3.05 29.34
CA VAL A 46 15.98 -1.77 30.04
C VAL A 46 14.68 -1.26 30.59
N ASP A 47 14.76 -0.40 31.61
CA ASP A 47 13.61 0.24 32.19
C ASP A 47 13.21 1.39 31.28
N ALA A 48 11.97 1.89 31.40
CA ALA A 48 11.51 3.05 30.63
C ALA A 48 12.31 4.27 31.12
N VAL A 49 12.53 5.28 30.25
CA VAL A 49 13.28 6.51 30.58
C VAL A 49 12.69 7.17 31.84
N SER A 50 11.36 7.13 31.97
CA SER A 50 10.60 7.70 33.08
C SER A 50 10.68 6.91 34.39
N GLY A 51 11.05 5.64 34.31
CA GLY A 51 11.09 4.74 35.45
C GLY A 51 9.72 4.14 35.78
N LYS A 52 8.68 4.54 35.00
CA LYS A 52 7.29 4.11 35.18
C LYS A 52 7.03 2.66 34.76
N THR A 53 6.01 2.05 35.39
CA THR A 53 5.56 0.69 35.12
C THR A 53 4.02 0.67 35.04
N PHE A 54 3.47 -0.29 34.31
CA PHE A 54 2.02 -0.47 34.22
C PHE A 54 1.73 -1.92 34.58
N GLU A 55 0.48 -2.23 34.92
CA GLU A 55 0.16 -3.59 35.34
C GLU A 55 -0.61 -4.37 34.31
N THR A 56 -0.32 -5.66 34.23
CA THR A 56 -1.04 -6.58 33.37
C THR A 56 -1.89 -7.47 34.28
N ARG A 57 -3.15 -7.66 33.92
CA ARG A 57 -4.08 -8.41 34.78
C ARG A 57 -4.55 -9.71 34.18
N ASP A 58 -4.92 -10.64 35.08
CA ASP A 58 -5.40 -11.96 34.69
C ASP A 58 -6.92 -11.83 34.51
N PRO A 59 -7.46 -12.07 33.28
CA PRO A 59 -8.92 -11.96 33.06
C PRO A 59 -9.76 -12.94 33.86
N ARG A 60 -9.12 -13.99 34.43
CA ARG A 60 -9.77 -15.02 35.25
C ARG A 60 -10.14 -14.46 36.61
N THR A 61 -9.36 -13.47 37.11
CA THR A 61 -9.55 -12.91 38.45
C THR A 61 -9.59 -11.38 38.51
N GLY A 62 -8.99 -10.70 37.53
CA GLY A 62 -8.84 -9.25 37.52
C GLY A 62 -7.62 -8.86 38.37
N GLU A 63 -6.88 -9.87 38.85
CA GLU A 63 -5.66 -9.76 39.66
C GLU A 63 -4.46 -9.35 38.82
N VAL A 64 -3.56 -8.56 39.43
CA VAL A 64 -2.31 -8.13 38.81
C VAL A 64 -1.37 -9.35 38.66
N ILE A 65 -0.84 -9.58 37.43
CA ILE A 65 0.08 -10.67 37.09
C ILE A 65 1.49 -10.16 37.39
N ALA A 66 1.86 -9.03 36.77
CA ALA A 66 3.17 -8.41 36.84
C ALA A 66 3.08 -6.91 36.53
N SER A 67 4.17 -6.19 36.85
CA SER A 67 4.35 -4.77 36.55
C SER A 67 5.37 -4.74 35.43
N ILE A 68 5.02 -4.11 34.31
CA ILE A 68 5.85 -4.02 33.11
C ILE A 68 6.32 -2.60 32.89
N ALA A 69 7.59 -2.41 32.45
CA ALA A 69 8.14 -1.08 32.13
C ALA A 69 7.21 -0.43 31.11
N GLU A 70 6.84 0.84 31.36
CA GLU A 70 5.90 1.58 30.51
C GLU A 70 6.63 2.47 29.52
N GLY A 71 6.78 1.98 28.31
CA GLY A 71 7.42 2.74 27.24
C GLY A 71 6.56 3.89 26.75
N ASP A 72 7.18 5.05 26.49
CA ASP A 72 6.49 6.21 25.95
C ASP A 72 7.25 6.67 24.70
N LYS A 73 7.00 7.91 24.20
CA LYS A 73 7.65 8.48 23.04
C LYS A 73 9.19 8.45 23.15
N ALA A 74 9.75 8.71 24.33
CA ALA A 74 11.20 8.72 24.57
C ALA A 74 11.83 7.34 24.34
N ASP A 75 11.16 6.27 24.77
CA ASP A 75 11.62 4.88 24.60
C ASP A 75 11.52 4.37 23.15
N VAL A 76 10.45 4.76 22.43
CA VAL A 76 10.24 4.47 21.01
C VAL A 76 11.37 5.14 20.22
N ASP A 77 11.72 6.38 20.58
CA ASP A 77 12.80 7.13 19.97
C ASP A 77 14.12 6.41 20.13
N LEU A 78 14.38 5.84 21.33
CA LEU A 78 15.59 5.05 21.58
C LEU A 78 15.58 3.72 20.76
N ALA A 79 14.43 3.05 20.65
CA ALA A 79 14.26 1.81 19.89
C ALA A 79 14.46 2.08 18.40
N VAL A 80 13.87 3.17 17.88
CA VAL A 80 14.03 3.52 16.46
C VAL A 80 15.49 3.85 16.16
N LYS A 81 16.18 4.58 17.07
CA LYS A 81 17.62 4.87 16.88
C LYS A 81 18.44 3.57 16.89
N ALA A 82 18.08 2.57 17.74
CA ALA A 82 18.76 1.28 17.80
C ALA A 82 18.52 0.51 16.48
N ALA A 83 17.28 0.53 15.99
CA ALA A 83 16.87 -0.12 14.75
C ALA A 83 17.55 0.55 13.56
N ARG A 84 17.64 1.88 13.60
CA ARG A 84 18.34 2.65 12.57
C ARG A 84 19.84 2.29 12.47
N GLU A 85 20.51 2.16 13.62
CA GLU A 85 21.93 1.81 13.68
C GLU A 85 22.15 0.38 13.17
N ALA A 86 21.28 -0.56 13.58
CA ALA A 86 21.36 -1.97 13.19
C ALA A 86 21.15 -2.15 11.69
N PHE A 87 20.28 -1.33 11.09
CA PHE A 87 20.01 -1.40 9.64
C PHE A 87 21.08 -0.66 8.84
N ASP A 88 21.35 0.61 9.18
CA ASP A 88 22.33 1.40 8.47
C ASP A 88 23.76 0.90 8.56
N ASN A 89 24.21 0.51 9.76
CA ASN A 89 25.60 0.09 9.93
C ASN A 89 25.81 -1.30 10.48
N GLY A 90 24.75 -1.99 10.81
CA GLY A 90 24.87 -3.29 11.43
C GLY A 90 24.95 -4.46 10.47
N PRO A 91 25.32 -5.62 11.03
CA PRO A 91 25.48 -6.82 10.20
C PRO A 91 24.23 -7.46 9.60
N TRP A 92 23.07 -7.36 10.26
CA TRP A 92 21.83 -8.02 9.84
C TRP A 92 21.41 -7.88 8.36
N PRO A 93 21.23 -6.68 7.78
CA PRO A 93 20.86 -6.63 6.36
C PRO A 93 22.04 -7.00 5.44
N ARG A 94 23.31 -6.97 5.98
CA ARG A 94 24.51 -7.30 5.22
C ARG A 94 24.73 -8.80 5.12
N MET A 95 24.03 -9.56 5.99
CA MET A 95 24.09 -11.01 5.99
C MET A 95 23.43 -11.51 4.71
N THR A 96 23.81 -12.72 4.29
CA THR A 96 23.12 -13.33 3.15
C THR A 96 21.74 -13.75 3.66
N GLY A 97 20.78 -13.94 2.77
CA GLY A 97 19.46 -14.45 3.14
C GLY A 97 19.57 -15.77 3.88
N TYR A 98 20.47 -16.64 3.44
CA TYR A 98 20.70 -17.95 4.06
C TYR A 98 21.14 -17.81 5.50
N GLU A 99 22.03 -16.87 5.79
CA GLU A 99 22.47 -16.71 7.17
C GLU A 99 21.44 -16.08 8.09
N ARG A 100 20.52 -15.23 7.55
CA ARG A 100 19.40 -14.68 8.34
C ARG A 100 18.40 -15.83 8.63
N GLY A 101 18.19 -16.70 7.61
CA GLY A 101 17.34 -17.89 7.71
C GLY A 101 17.81 -18.86 8.75
N ARG A 102 19.12 -19.08 8.86
CA ARG A 102 19.69 -20.01 9.85
C ARG A 102 19.41 -19.50 11.27
N ILE A 103 19.50 -18.17 11.47
CA ILE A 103 19.23 -17.53 12.75
C ILE A 103 17.72 -17.64 13.06
N LEU A 104 16.88 -17.41 12.05
CA LEU A 104 15.44 -17.53 12.26
C LEU A 104 15.01 -18.97 12.53
N HIS A 105 15.73 -19.95 11.98
CA HIS A 105 15.46 -21.37 12.21
C HIS A 105 15.79 -21.76 13.66
N ARG A 106 16.82 -21.11 14.22
CA ARG A 106 17.29 -21.33 15.57
C ARG A 106 16.28 -20.72 16.53
N PHE A 107 15.77 -19.53 16.13
CA PHE A 107 14.77 -18.78 16.85
C PHE A 107 13.48 -19.63 16.94
N ALA A 108 13.06 -20.24 15.81
CA ALA A 108 11.89 -21.12 15.77
C ALA A 108 12.09 -22.35 16.68
N ASP A 109 13.27 -22.96 16.67
CA ASP A 109 13.58 -24.11 17.55
C ASP A 109 13.45 -23.74 19.02
N LEU A 110 13.91 -22.54 19.40
CA LEU A 110 13.85 -22.05 20.78
C LEU A 110 12.42 -21.84 21.23
N ILE A 111 11.55 -21.33 20.33
CA ILE A 111 10.12 -21.15 20.60
C ILE A 111 9.53 -22.52 21.00
N ASP A 112 9.82 -23.55 20.20
CA ASP A 112 9.35 -24.94 20.39
C ASP A 112 9.82 -25.56 21.68
N GLU A 113 10.99 -25.15 22.19
CA GLU A 113 11.45 -25.71 23.47
C GLU A 113 10.85 -25.02 24.67
N HIS A 114 10.22 -23.84 24.48
CA HIS A 114 9.59 -23.08 25.56
C HIS A 114 8.08 -23.01 25.41
N VAL A 115 7.49 -23.93 24.64
CA VAL A 115 6.05 -23.97 24.34
C VAL A 115 5.13 -23.91 25.59
N GLU A 116 5.43 -24.70 26.65
CA GLU A 116 4.61 -24.72 27.86
C GLU A 116 4.59 -23.37 28.55
N GLU A 117 5.76 -22.79 28.76
CA GLU A 117 5.92 -21.50 29.38
C GLU A 117 5.26 -20.39 28.52
N LEU A 118 5.48 -20.42 27.21
CA LEU A 118 4.86 -19.46 26.27
C LEU A 118 3.35 -19.54 26.27
N ALA A 119 2.80 -20.76 26.23
CA ALA A 119 1.34 -20.95 26.25
C ALA A 119 0.74 -20.45 27.55
N ALA A 120 1.42 -20.74 28.69
CA ALA A 120 0.99 -20.33 30.02
C ALA A 120 0.90 -18.79 30.10
N LEU A 121 1.89 -18.08 29.53
CA LEU A 121 1.95 -16.63 29.49
C LEU A 121 0.77 -16.02 28.72
N ASP A 122 0.44 -16.55 27.51
CA ASP A 122 -0.70 -16.12 26.70
C ASP A 122 -2.05 -16.45 27.34
N THR A 123 -2.13 -17.55 28.13
CA THR A 123 -3.35 -17.89 28.86
C THR A 123 -3.60 -16.83 29.95
N VAL A 124 -2.62 -16.61 30.87
CA VAL A 124 -2.81 -15.64 31.93
C VAL A 124 -3.00 -14.25 31.39
N ASP A 125 -2.32 -13.89 30.29
CA ASP A 125 -2.41 -12.55 29.72
C ASP A 125 -3.66 -12.27 28.88
N ALA A 126 -4.08 -13.21 28.04
CA ALA A 126 -5.21 -12.94 27.13
C ALA A 126 -6.46 -13.81 27.41
N GLY A 127 -6.39 -14.70 28.40
CA GLY A 127 -7.51 -15.60 28.72
C GLY A 127 -7.73 -16.67 27.68
N LYS A 128 -6.68 -16.98 26.90
CA LYS A 128 -6.69 -17.98 25.83
C LYS A 128 -6.54 -19.38 26.40
N LEU A 129 -7.13 -20.40 25.74
CA LEU A 129 -7.02 -21.79 26.20
C LEU A 129 -5.57 -22.29 26.15
N PHE A 130 -5.08 -22.80 27.31
CA PHE A 130 -3.73 -23.34 27.46
C PHE A 130 -3.47 -24.53 26.53
N ALA A 131 -4.44 -25.46 26.43
CA ALA A 131 -4.32 -26.63 25.55
C ALA A 131 -4.15 -26.24 24.09
N VAL A 132 -4.84 -25.16 23.64
CA VAL A 132 -4.76 -24.67 22.26
C VAL A 132 -3.44 -23.91 22.05
N GLY A 133 -2.97 -23.26 23.10
CA GLY A 133 -1.70 -22.54 23.08
C GLY A 133 -0.57 -23.52 22.77
N LYS A 134 -0.51 -24.61 23.54
CA LYS A 134 0.51 -25.65 23.42
C LYS A 134 0.41 -26.43 22.11
N ALA A 135 -0.81 -26.84 21.72
CA ALA A 135 -1.04 -27.68 20.55
C ALA A 135 -1.00 -26.93 19.22
N ARG A 136 -1.54 -25.70 19.19
CA ARG A 136 -1.72 -24.92 17.97
C ARG A 136 -1.02 -23.57 17.90
N ASP A 137 -1.36 -22.61 18.79
CA ASP A 137 -0.87 -21.23 18.74
C ASP A 137 0.64 -21.03 18.76
N ILE A 138 1.33 -21.49 19.82
CA ILE A 138 2.77 -21.35 19.93
C ILE A 138 3.54 -22.17 18.87
N PRO A 139 3.26 -23.49 18.63
CA PRO A 139 3.98 -24.17 17.54
C PRO A 139 3.67 -23.59 16.15
N GLY A 140 2.46 -23.03 15.98
CA GLY A 140 2.06 -22.40 14.72
C GLY A 140 2.91 -21.17 14.42
N ALA A 141 3.39 -20.49 15.47
CA ALA A 141 4.23 -19.32 15.37
C ALA A 141 5.63 -19.76 14.97
N ALA A 142 6.16 -20.81 15.61
CA ALA A 142 7.47 -21.35 15.28
C ALA A 142 7.47 -21.81 13.80
N HIS A 143 6.39 -22.48 13.37
CA HIS A 143 6.15 -22.98 12.00
C HIS A 143 6.15 -21.78 11.01
N LEU A 144 5.42 -20.69 11.32
CA LEU A 144 5.35 -19.50 10.45
C LEU A 144 6.73 -18.85 10.35
N LEU A 145 7.53 -18.94 11.43
CA LEU A 145 8.87 -18.38 11.45
C LEU A 145 9.81 -19.23 10.53
N ARG A 146 9.58 -20.54 10.46
CA ARG A 146 10.33 -21.46 9.60
C ARG A 146 10.00 -21.21 8.15
N TYR A 147 8.73 -20.92 7.85
CA TYR A 147 8.28 -20.58 6.49
C TYR A 147 9.13 -19.37 5.95
N TYR A 148 9.26 -18.29 6.73
CA TYR A 148 10.05 -17.11 6.31
C TYR A 148 11.51 -17.32 6.34
N ALA A 149 12.02 -18.12 7.29
CA ALA A 149 13.43 -18.49 7.32
C ALA A 149 13.79 -19.20 5.99
N GLY A 150 12.91 -20.08 5.52
CA GLY A 150 13.08 -20.81 4.25
C GLY A 150 12.91 -19.95 3.01
N ALA A 151 12.28 -18.77 3.14
CA ALA A 151 12.06 -17.83 2.02
C ALA A 151 13.23 -16.87 1.89
N ALA A 152 13.98 -16.68 2.99
CA ALA A 152 15.06 -15.71 3.11
C ALA A 152 16.15 -15.79 2.08
N ASP A 153 16.50 -17.01 1.63
CA ASP A 153 17.56 -17.21 0.66
C ASP A 153 17.09 -17.40 -0.81
N LYS A 154 15.78 -17.13 -1.08
CA LYS A 154 15.04 -17.37 -2.32
C LYS A 154 14.31 -16.14 -2.84
N VAL A 155 14.58 -14.95 -2.27
CA VAL A 155 13.92 -13.72 -2.66
C VAL A 155 14.38 -13.34 -4.07
N HIS A 156 13.45 -13.16 -5.01
CA HIS A 156 13.84 -12.79 -6.37
C HIS A 156 13.21 -11.51 -6.85
N GLY A 157 13.99 -10.76 -7.61
CA GLY A 157 13.49 -9.64 -8.40
C GLY A 157 13.39 -10.16 -9.82
N ALA A 158 13.33 -9.27 -10.81
CA ALA A 158 13.19 -9.65 -12.21
C ALA A 158 14.22 -9.03 -13.13
N THR A 159 14.55 -9.71 -14.24
CA THR A 159 15.30 -9.10 -15.35
C THR A 159 14.18 -8.79 -16.35
N LEU A 160 14.14 -7.54 -16.80
CA LEU A 160 13.06 -7.00 -17.63
C LEU A 160 13.22 -7.14 -19.09
N LYS A 161 12.15 -6.79 -19.81
CA LYS A 161 12.08 -6.89 -21.25
C LYS A 161 11.89 -5.50 -21.79
N MET A 162 13.01 -4.79 -22.00
CA MET A 162 12.97 -3.41 -22.45
C MET A 162 12.58 -3.24 -23.90
N ALA A 163 11.87 -2.14 -24.19
CA ALA A 163 11.43 -1.75 -25.54
C ALA A 163 12.43 -0.78 -26.18
N GLN A 164 13.67 -0.78 -25.66
CA GLN A 164 14.83 -0.03 -26.15
C GLN A 164 16.05 -0.91 -26.03
N ARG A 165 17.18 -0.48 -26.62
CA ARG A 165 18.44 -1.25 -26.55
C ARG A 165 19.05 -0.99 -25.17
N MET A 166 18.38 -1.55 -24.16
CA MET A 166 18.68 -1.37 -22.73
C MET A 166 18.50 -2.62 -21.96
N HIS A 167 19.23 -2.74 -20.86
CA HIS A 167 19.11 -3.85 -19.94
C HIS A 167 18.52 -3.28 -18.66
N GLY A 168 17.35 -3.82 -18.28
CA GLY A 168 16.67 -3.41 -17.07
C GLY A 168 16.48 -4.59 -16.14
N TYR A 169 16.52 -4.31 -14.85
CA TYR A 169 16.24 -5.34 -13.84
C TYR A 169 15.74 -4.68 -12.55
N THR A 170 15.09 -5.49 -11.70
CA THR A 170 14.64 -4.99 -10.41
C THR A 170 15.38 -5.68 -9.29
N LEU A 171 15.69 -4.95 -8.24
CA LEU A 171 16.33 -5.47 -7.02
C LEU A 171 15.32 -5.41 -5.87
N LYS A 172 15.30 -6.44 -5.05
CA LYS A 172 14.43 -6.50 -3.88
C LYS A 172 15.27 -6.16 -2.62
N GLU A 173 15.11 -4.96 -2.11
CA GLU A 173 15.89 -4.56 -0.95
C GLU A 173 15.10 -4.37 0.32
N PRO A 174 15.69 -4.65 1.51
CA PRO A 174 14.93 -4.46 2.76
C PRO A 174 14.45 -3.01 2.90
N VAL A 175 13.19 -2.80 3.34
CA VAL A 175 12.60 -1.46 3.49
C VAL A 175 13.41 -0.56 4.44
N GLY A 176 13.87 -1.16 5.55
CA GLY A 176 14.67 -0.43 6.51
C GLY A 176 14.17 -0.71 7.87
N VAL A 177 13.77 0.36 8.58
CA VAL A 177 13.23 0.32 9.93
C VAL A 177 11.69 0.22 9.84
N VAL A 178 11.16 -0.84 10.41
CA VAL A 178 9.73 -1.16 10.40
C VAL A 178 9.13 -1.09 11.81
N GLY A 179 7.98 -0.45 11.92
CA GLY A 179 7.24 -0.37 13.15
C GLY A 179 6.05 -1.30 13.11
N HIS A 180 5.85 -2.08 14.17
CA HIS A 180 4.72 -2.99 14.27
C HIS A 180 3.89 -2.69 15.50
N ILE A 181 2.57 -2.48 15.30
CA ILE A 181 1.63 -2.21 16.38
C ILE A 181 0.68 -3.40 16.39
N VAL A 182 0.70 -4.17 17.48
CA VAL A 182 -0.08 -5.42 17.51
C VAL A 182 -1.20 -5.46 18.55
N PRO A 183 -2.31 -6.22 18.29
CA PRO A 183 -3.39 -6.31 19.29
C PRO A 183 -3.16 -7.44 20.30
N TRP A 184 -4.12 -7.64 21.19
CA TRP A 184 -4.07 -8.60 22.30
C TRP A 184 -4.69 -9.98 22.06
N ASN A 185 -5.50 -10.15 21.00
CA ASN A 185 -6.24 -11.40 20.83
C ASN A 185 -5.44 -12.67 20.56
N TYR A 186 -4.39 -12.57 19.72
CA TYR A 186 -3.49 -13.69 19.42
C TYR A 186 -2.07 -13.11 19.60
N PRO A 187 -1.60 -12.92 20.86
CA PRO A 187 -0.34 -12.17 21.06
C PRO A 187 0.87 -12.73 20.34
N THR A 188 1.07 -14.05 20.43
CA THR A 188 2.16 -14.76 19.78
C THR A 188 2.02 -14.72 18.24
N THR A 189 0.87 -15.16 17.72
CA THR A 189 0.54 -15.21 16.28
C THR A 189 0.75 -13.86 15.57
N MET A 190 0.17 -12.80 16.13
CA MET A 190 0.28 -11.44 15.59
C MET A 190 1.71 -10.97 15.57
N PHE A 191 2.46 -11.22 16.66
CA PHE A 191 3.86 -10.86 16.79
C PHE A 191 4.64 -11.46 15.62
N PHE A 192 4.48 -12.77 15.37
CA PHE A 192 5.21 -13.43 14.30
C PHE A 192 4.75 -13.15 12.88
N PHE A 193 3.44 -12.85 12.67
CA PHE A 193 2.93 -12.42 11.35
C PHE A 193 3.73 -11.21 10.87
N LYS A 194 4.14 -10.37 11.81
CA LYS A 194 4.83 -9.13 11.52
C LYS A 194 6.34 -9.30 11.52
N VAL A 195 6.90 -9.85 12.61
CA VAL A 195 8.32 -10.04 12.85
C VAL A 195 8.99 -11.04 11.89
N GLY A 196 8.35 -12.19 11.67
CA GLY A 196 8.88 -13.23 10.79
C GLY A 196 9.29 -12.71 9.42
N PRO A 197 8.34 -12.17 8.60
CA PRO A 197 8.73 -11.67 7.26
C PRO A 197 9.66 -10.46 7.27
N ALA A 198 9.47 -9.51 8.20
CA ALA A 198 10.29 -8.31 8.26
C ALA A 198 11.78 -8.63 8.57
N LEU A 199 12.05 -9.55 9.52
CA LEU A 199 13.42 -9.96 9.87
C LEU A 199 14.02 -10.79 8.71
N ALA A 200 13.22 -11.68 8.10
CA ALA A 200 13.71 -12.49 6.96
C ALA A 200 14.16 -11.59 5.79
N ALA A 201 13.46 -10.48 5.57
CA ALA A 201 13.75 -9.52 4.51
C ALA A 201 15.02 -8.69 4.77
N GLY A 202 15.51 -8.68 6.01
CA GLY A 202 16.68 -7.89 6.39
C GLY A 202 16.36 -6.62 7.13
N CYS A 203 15.08 -6.41 7.52
CA CYS A 203 14.69 -5.19 8.26
C CYS A 203 15.04 -5.27 9.75
N ALA A 204 15.06 -4.10 10.41
CA ALA A 204 15.23 -3.93 11.84
C ALA A 204 13.86 -3.46 12.32
N VAL A 205 13.33 -4.05 13.38
CA VAL A 205 11.94 -3.74 13.81
C VAL A 205 11.78 -3.15 15.20
N VAL A 206 10.72 -2.37 15.36
CA VAL A 206 10.28 -1.83 16.64
C VAL A 206 8.85 -2.33 16.80
N VAL A 207 8.65 -3.23 17.78
CA VAL A 207 7.33 -3.84 18.05
C VAL A 207 6.71 -3.18 19.27
N LYS A 208 5.45 -2.77 19.14
CA LYS A 208 4.70 -2.19 20.23
C LYS A 208 3.53 -3.15 20.52
N PRO A 209 3.71 -4.03 21.52
CA PRO A 209 2.62 -4.99 21.83
C PRO A 209 1.51 -4.30 22.60
N ALA A 210 0.31 -4.88 22.59
CA ALA A 210 -0.88 -4.36 23.28
C ALA A 210 -0.60 -4.30 24.78
N GLU A 211 -1.10 -3.26 25.47
CA GLU A 211 -0.95 -3.09 26.92
C GLU A 211 -1.54 -4.27 27.70
N GLN A 212 -2.60 -4.88 27.15
CA GLN A 212 -3.27 -6.04 27.73
C GLN A 212 -2.40 -7.30 27.66
N THR A 213 -1.50 -7.39 26.64
CA THR A 213 -0.68 -8.59 26.40
C THR A 213 0.80 -8.31 26.09
N PRO A 214 1.59 -7.74 27.02
CA PRO A 214 3.01 -7.49 26.69
C PRO A 214 3.96 -8.67 26.98
N LEU A 215 3.51 -9.68 27.77
CA LEU A 215 4.36 -10.76 28.29
C LEU A 215 5.13 -11.62 27.33
N SER A 216 4.42 -12.33 26.45
CA SER A 216 5.08 -13.21 25.51
C SER A 216 6.05 -12.47 24.55
N ALA A 217 5.72 -11.23 24.14
CA ALA A 217 6.56 -10.42 23.25
C ALA A 217 7.94 -10.15 23.85
N LEU A 218 8.03 -10.00 25.19
CA LEU A 218 9.31 -9.79 25.86
C LEU A 218 10.06 -11.10 25.95
N PHE A 219 9.37 -12.22 26.15
CA PHE A 219 9.99 -13.55 26.15
C PHE A 219 10.64 -13.83 24.74
N TYR A 220 9.94 -13.43 23.62
CA TYR A 220 10.41 -13.58 22.23
C TYR A 220 11.63 -12.74 21.94
N ALA A 221 11.67 -11.53 22.51
CA ALA A 221 12.82 -10.64 22.39
C ALA A 221 14.03 -11.34 23.03
N HIS A 222 13.84 -12.03 24.17
CA HIS A 222 14.91 -12.77 24.84
C HIS A 222 15.36 -13.96 23.96
N LEU A 223 14.40 -14.70 23.38
CA LEU A 223 14.69 -15.86 22.53
C LEU A 223 15.39 -15.46 21.22
N ALA A 224 15.05 -14.29 20.66
CA ALA A 224 15.66 -13.77 19.43
C ALA A 224 17.14 -13.51 19.67
N ARG A 225 17.47 -12.90 20.83
CA ARG A 225 18.83 -12.62 21.22
C ARG A 225 19.63 -13.92 21.36
N GLU A 226 19.03 -14.93 22.00
CA GLU A 226 19.62 -16.25 22.21
C GLU A 226 19.92 -16.91 20.88
N ALA A 227 19.03 -16.73 19.88
CA ALA A 227 19.13 -17.32 18.55
C ALA A 227 20.23 -16.67 17.69
N GLY A 228 20.64 -15.47 18.06
CA GLY A 228 21.69 -14.77 17.32
C GLY A 228 21.18 -13.57 16.55
N VAL A 229 19.96 -13.13 16.80
CA VAL A 229 19.41 -11.91 16.19
C VAL A 229 20.25 -10.74 16.77
N PRO A 230 20.98 -9.96 15.93
CA PRO A 230 21.84 -8.90 16.48
C PRO A 230 21.10 -7.77 17.19
N ALA A 231 21.80 -7.10 18.13
CA ALA A 231 21.30 -5.95 18.91
C ALA A 231 20.68 -4.88 18.01
N GLY A 232 19.47 -4.42 18.37
CA GLY A 232 18.78 -3.36 17.63
C GLY A 232 17.90 -3.84 16.50
N VAL A 233 18.02 -5.13 16.11
CA VAL A 233 17.24 -5.74 15.02
C VAL A 233 15.81 -5.99 15.46
N LEU A 234 15.60 -6.44 16.68
CA LEU A 234 14.27 -6.68 17.24
C LEU A 234 14.13 -5.93 18.57
N ASN A 235 13.33 -4.84 18.55
CA ASN A 235 13.10 -4.04 19.75
C ASN A 235 11.64 -4.17 20.12
N VAL A 236 11.38 -4.31 21.40
CA VAL A 236 10.02 -4.46 21.89
C VAL A 236 9.77 -3.39 22.93
N VAL A 237 8.80 -2.52 22.64
CA VAL A 237 8.44 -1.42 23.54
C VAL A 237 7.00 -1.57 24.07
N PRO A 238 6.78 -2.37 25.15
CA PRO A 238 5.43 -2.43 25.75
C PRO A 238 5.02 -1.02 26.24
N GLY A 239 3.73 -0.76 26.25
CA GLY A 239 3.22 0.55 26.64
C GLY A 239 1.85 0.81 26.06
N PHE A 240 1.27 1.98 26.36
CA PHE A 240 -0.07 2.35 25.89
C PHE A 240 -0.12 2.78 24.43
N GLY A 241 -1.31 2.75 23.86
CA GLY A 241 -1.54 3.09 22.46
C GLY A 241 -1.33 4.54 22.08
N PRO A 242 -2.06 5.51 22.70
CA PRO A 242 -1.90 6.92 22.33
C PRO A 242 -0.54 7.53 22.64
N THR A 243 0.29 6.81 23.42
CA THR A 243 1.64 7.22 23.83
C THR A 243 2.67 6.48 22.96
N ALA A 244 3.04 5.23 23.32
CA ALA A 244 4.02 4.42 22.58
C ALA A 244 3.59 4.06 21.15
N GLY A 245 2.33 3.63 20.98
CA GLY A 245 1.80 3.22 19.69
C GLY A 245 1.75 4.37 18.71
N ALA A 246 1.30 5.54 19.18
CA ALA A 246 1.21 6.74 18.34
C ALA A 246 2.60 7.24 17.96
N ALA A 247 3.59 7.05 18.87
CA ALA A 247 4.98 7.45 18.64
C ALA A 247 5.62 6.66 17.52
N VAL A 248 5.25 5.36 17.36
CA VAL A 248 5.74 4.50 16.29
C VAL A 248 5.13 4.97 14.96
N ALA A 249 3.80 5.12 14.91
CA ALA A 249 3.04 5.54 13.72
C ALA A 249 3.50 6.90 13.18
N ALA A 250 3.80 7.87 14.06
CA ALA A 250 4.23 9.22 13.71
C ALA A 250 5.74 9.41 13.55
N HIS A 251 6.55 8.36 13.77
CA HIS A 251 8.02 8.52 13.70
C HIS A 251 8.57 8.87 12.33
N MET A 252 9.40 9.91 12.28
CA MET A 252 10.05 10.46 11.08
C MET A 252 11.12 9.55 10.50
N ASP A 253 11.60 8.60 11.29
CA ASP A 253 12.65 7.70 10.84
C ASP A 253 12.27 6.21 10.72
N VAL A 254 10.95 5.93 10.77
CA VAL A 254 10.37 4.59 10.58
C VAL A 254 9.93 4.58 9.11
N ASP A 255 10.37 3.58 8.38
CA ASP A 255 10.13 3.47 6.94
C ASP A 255 8.78 2.92 6.57
N LYS A 256 8.21 2.08 7.43
CA LYS A 256 6.94 1.41 7.13
C LYS A 256 6.32 1.00 8.44
N VAL A 257 5.00 1.00 8.48
CA VAL A 257 4.25 0.59 9.66
C VAL A 257 3.18 -0.44 9.31
N SER A 258 3.04 -1.43 10.18
CA SER A 258 1.99 -2.44 10.07
C SER A 258 1.21 -2.38 11.35
N PHE A 259 -0.13 -2.28 11.21
CA PHE A 259 -1.05 -2.18 12.33
C PHE A 259 -2.17 -3.22 12.17
N THR A 260 -2.54 -3.81 13.31
CA THR A 260 -3.64 -4.74 13.42
C THR A 260 -4.45 -4.31 14.64
N GLY A 261 -5.73 -4.11 14.47
CA GLY A 261 -6.57 -3.69 15.57
C GLY A 261 -7.89 -3.08 15.15
N SER A 262 -8.36 -2.11 15.90
CA SER A 262 -9.66 -1.49 15.63
C SER A 262 -9.63 -0.55 14.44
N THR A 263 -10.76 -0.42 13.78
CA THR A 263 -10.95 0.48 12.63
C THR A 263 -10.57 1.90 13.03
N GLU A 264 -11.07 2.37 14.20
CA GLU A 264 -10.85 3.72 14.73
C GLU A 264 -9.37 4.08 14.78
N VAL A 265 -8.55 3.21 15.40
CA VAL A 265 -7.12 3.42 15.55
C VAL A 265 -6.41 3.31 14.19
N GLY A 266 -6.93 2.43 13.31
CA GLY A 266 -6.41 2.26 11.97
C GLY A 266 -6.41 3.58 11.23
N ARG A 267 -7.47 4.41 11.46
CA ARG A 267 -7.62 5.77 10.88
C ARG A 267 -6.54 6.67 11.42
N LEU A 268 -6.23 6.52 12.72
CA LEU A 268 -5.22 7.32 13.43
C LEU A 268 -3.82 6.99 12.95
N VAL A 269 -3.54 5.70 12.71
CA VAL A 269 -2.26 5.21 12.19
C VAL A 269 -2.03 5.71 10.76
N MET A 270 -3.03 5.58 9.89
CA MET A 270 -2.94 6.02 8.49
C MET A 270 -2.73 7.53 8.42
N ARG A 271 -3.46 8.27 9.25
CA ARG A 271 -3.34 9.71 9.33
C ARG A 271 -1.95 10.11 9.82
N ALA A 272 -1.43 9.40 10.84
CA ALA A 272 -0.12 9.69 11.46
C ALA A 272 1.02 9.54 10.47
N ALA A 273 0.93 8.54 9.58
CA ALA A 273 1.88 8.29 8.51
C ALA A 273 1.85 9.47 7.51
N ALA A 274 0.63 9.87 7.09
CA ALA A 274 0.41 10.99 6.16
C ALA A 274 0.98 12.33 6.72
N GLU A 275 0.85 12.55 8.04
CA GLU A 275 1.29 13.81 8.68
C GLU A 275 2.73 13.79 9.23
N SER A 276 3.44 12.66 9.03
CA SER A 276 4.82 12.53 9.47
C SER A 276 5.75 12.45 8.26
N ASN A 277 6.08 11.26 7.79
CA ASN A 277 7.01 11.09 6.68
C ASN A 277 6.41 10.38 5.44
N LEU A 278 5.09 10.18 5.40
CA LEU A 278 4.45 9.50 4.25
C LEU A 278 4.92 8.04 4.10
N LYS A 279 5.20 7.40 5.24
CA LYS A 279 5.57 5.99 5.27
C LYS A 279 4.34 5.18 4.81
N PRO A 280 4.52 4.12 3.99
CA PRO A 280 3.35 3.27 3.68
C PRO A 280 2.91 2.54 4.94
N VAL A 281 1.62 2.21 5.01
CA VAL A 281 1.02 1.45 6.11
C VAL A 281 0.36 0.19 5.57
N SER A 282 0.09 -0.74 6.45
CA SER A 282 -0.77 -1.86 6.15
C SER A 282 -1.64 -2.02 7.38
N LEU A 283 -2.91 -2.30 7.15
CA LEU A 283 -3.90 -2.34 8.20
C LEU A 283 -4.80 -3.55 8.14
N GLU A 284 -4.90 -4.29 9.26
CA GLU A 284 -5.87 -5.38 9.44
C GLU A 284 -6.82 -4.85 10.52
N LEU A 285 -8.04 -4.52 10.11
CA LEU A 285 -9.00 -3.82 10.94
C LEU A 285 -10.22 -4.60 11.41
N GLY A 286 -10.16 -5.92 11.30
CA GLY A 286 -11.28 -6.73 11.78
C GLY A 286 -12.43 -6.81 10.78
N GLY A 287 -13.50 -7.50 11.18
CA GLY A 287 -14.61 -7.68 10.27
C GLY A 287 -15.92 -8.08 10.91
N LYS A 288 -16.84 -8.48 10.05
CA LYS A 288 -18.16 -8.95 10.43
C LYS A 288 -18.40 -10.13 9.48
N SER A 289 -17.60 -11.16 9.69
CA SER A 289 -17.57 -12.35 8.83
C SER A 289 -18.86 -13.15 8.74
N PRO A 290 -19.40 -13.29 7.52
CA PRO A 290 -20.59 -14.15 7.34
C PRO A 290 -20.22 -15.63 7.09
N VAL A 291 -21.07 -16.57 7.50
CA VAL A 291 -20.89 -17.99 7.22
C VAL A 291 -22.19 -18.38 6.56
N ILE A 292 -22.10 -18.93 5.33
CA ILE A 292 -23.30 -19.28 4.59
C ILE A 292 -23.44 -20.77 4.52
N VAL A 293 -24.55 -21.30 5.03
CA VAL A 293 -24.85 -22.74 5.03
C VAL A 293 -25.98 -23.02 4.05
N PHE A 294 -25.68 -23.76 2.97
CA PHE A 294 -26.68 -24.16 1.98
C PHE A 294 -27.43 -25.46 2.35
N ASP A 295 -28.60 -25.67 1.74
CA ASP A 295 -29.53 -26.82 1.93
C ASP A 295 -28.86 -28.19 1.83
N ASP A 296 -27.82 -28.31 1.00
CA ASP A 296 -27.14 -29.58 0.75
C ASP A 296 -26.01 -29.92 1.76
N ALA A 297 -25.75 -29.07 2.73
CA ALA A 297 -24.70 -29.35 3.71
C ALA A 297 -25.09 -30.53 4.66
N ASP A 298 -24.09 -31.22 5.20
CA ASP A 298 -24.27 -32.24 6.22
C ASP A 298 -24.54 -31.37 7.44
N LEU A 299 -25.74 -31.48 8.00
CA LEU A 299 -26.16 -30.67 9.13
C LEU A 299 -25.26 -30.71 10.36
N ASP A 300 -24.86 -31.91 10.85
CA ASP A 300 -23.93 -32.04 11.99
C ASP A 300 -22.57 -31.39 11.72
N MET A 301 -22.04 -31.56 10.51
CA MET A 301 -20.76 -30.95 10.13
C MET A 301 -20.91 -29.40 10.15
N ALA A 302 -21.97 -28.86 9.48
CA ALA A 302 -22.25 -27.41 9.36
C ALA A 302 -22.43 -26.73 10.74
N VAL A 303 -23.15 -27.41 11.64
CA VAL A 303 -23.40 -26.95 13.00
C VAL A 303 -22.09 -26.91 13.77
N ASN A 304 -21.34 -28.02 13.75
CA ASN A 304 -20.04 -28.02 14.45
C ASN A 304 -19.04 -26.96 13.90
N LEU A 305 -19.10 -26.69 12.62
CA LEU A 305 -18.24 -25.72 11.95
C LEU A 305 -18.58 -24.28 12.33
N VAL A 306 -19.90 -23.95 12.35
CA VAL A 306 -20.39 -22.63 12.74
C VAL A 306 -20.09 -22.37 14.23
N ASN A 307 -20.29 -23.40 15.08
CA ASN A 307 -19.99 -23.31 16.51
C ASN A 307 -18.51 -22.95 16.70
N PHE A 308 -17.65 -23.60 15.93
CA PHE A 308 -16.20 -23.41 15.89
C PHE A 308 -15.85 -21.99 15.42
N ALA A 309 -16.49 -21.55 14.32
CA ALA A 309 -16.29 -20.23 13.72
C ALA A 309 -16.68 -19.07 14.65
N THR A 310 -17.75 -19.25 15.44
CA THR A 310 -18.30 -18.18 16.28
C THR A 310 -17.66 -18.05 17.65
N TYR A 311 -17.38 -19.20 18.28
CA TYR A 311 -16.96 -19.23 19.66
C TYR A 311 -15.52 -19.46 19.96
N THR A 312 -14.69 -19.77 18.94
CA THR A 312 -13.25 -19.96 19.12
C THR A 312 -12.70 -18.66 19.72
N ASN A 313 -11.87 -18.79 20.76
CA ASN A 313 -11.21 -17.72 21.48
C ASN A 313 -12.22 -16.68 21.96
N LYS A 314 -13.34 -17.17 22.52
CA LYS A 314 -14.48 -16.38 23.05
C LYS A 314 -14.95 -15.29 22.07
N GLY A 315 -14.92 -15.59 20.78
CA GLY A 315 -15.31 -14.68 19.71
C GLY A 315 -14.34 -13.54 19.46
N GLU A 316 -13.19 -13.52 20.18
CA GLU A 316 -12.16 -12.48 20.05
C GLU A 316 -11.19 -12.78 18.91
N ILE A 317 -11.72 -12.67 17.68
CA ILE A 317 -11.00 -12.92 16.44
C ILE A 317 -11.58 -12.01 15.38
N CSO A 318 -10.70 -11.39 14.58
CA CSO A 318 -11.06 -10.51 13.48
CB CSO A 318 -9.72 -9.98 12.89
SG CSO A 318 -8.64 -11.37 12.27
C CSO A 318 -11.91 -11.23 12.40
O CSO A 318 -12.68 -10.58 11.72
OD CSO A 318 -7.64 -11.71 13.53
N VAL A 319 -11.75 -12.57 12.29
CA VAL A 319 -12.44 -13.45 11.32
C VAL A 319 -13.57 -14.33 11.93
N ALA A 320 -13.93 -14.13 13.22
CA ALA A 320 -15.00 -14.91 13.85
C ALA A 320 -16.29 -14.93 12.98
N GLY A 321 -16.96 -16.08 12.93
CA GLY A 321 -18.24 -16.21 12.25
C GLY A 321 -19.22 -15.40 13.09
N THR A 322 -19.80 -14.36 12.52
CA THR A 322 -20.67 -13.46 13.30
C THR A 322 -22.09 -13.43 12.76
N ARG A 323 -22.23 -13.44 11.42
CA ARG A 323 -23.50 -13.45 10.72
C ARG A 323 -23.61 -14.81 10.07
N ILE A 324 -24.50 -15.65 10.59
CA ILE A 324 -24.72 -17.01 10.09
C ILE A 324 -25.98 -17.00 9.25
N TYR A 325 -25.86 -17.34 7.95
CA TYR A 325 -26.98 -17.41 7.02
C TYR A 325 -27.24 -18.86 6.68
N VAL A 326 -28.41 -19.36 7.08
CA VAL A 326 -28.76 -20.75 6.84
C VAL A 326 -29.97 -20.84 5.91
N GLN A 327 -29.85 -21.66 4.84
CA GLN A 327 -30.89 -21.78 3.84
C GLN A 327 -32.14 -22.34 4.46
N GLU A 328 -33.30 -21.86 4.01
CA GLU A 328 -34.62 -22.17 4.55
C GLU A 328 -34.99 -23.63 4.75
N GLY A 329 -34.49 -24.51 3.88
CA GLY A 329 -34.75 -25.95 3.95
C GLY A 329 -34.20 -26.64 5.18
N ILE A 330 -33.12 -26.09 5.76
CA ILE A 330 -32.51 -26.71 6.95
C ILE A 330 -32.48 -25.77 8.15
N TYR A 331 -32.96 -24.53 7.95
CA TYR A 331 -32.90 -23.49 8.98
C TYR A 331 -33.33 -23.91 10.38
N ASP A 332 -34.54 -24.47 10.51
CA ASP A 332 -35.16 -24.86 11.77
C ASP A 332 -34.36 -25.90 12.56
N GLU A 333 -33.91 -26.97 11.87
CA GLU A 333 -33.08 -28.00 12.48
C GLU A 333 -31.71 -27.45 12.85
N PHE A 334 -31.17 -26.50 12.05
CA PHE A 334 -29.87 -25.87 12.35
C PHE A 334 -29.95 -25.09 13.68
N VAL A 335 -30.95 -24.19 13.84
CA VAL A 335 -31.14 -23.39 15.05
C VAL A 335 -31.12 -24.26 16.33
N LYS A 336 -31.93 -25.36 16.34
CA LYS A 336 -32.04 -26.29 17.47
C LYS A 336 -30.70 -26.93 17.81
N LYS A 337 -29.96 -27.40 16.80
CA LYS A 337 -28.65 -28.03 16.97
C LYS A 337 -27.58 -27.00 17.40
N ALA A 338 -27.65 -25.77 16.87
CA ALA A 338 -26.66 -24.69 17.19
C ALA A 338 -26.83 -24.28 18.66
N ALA A 339 -28.09 -24.12 19.13
CA ALA A 339 -28.45 -23.80 20.52
C ALA A 339 -27.96 -24.90 21.48
N GLU A 340 -28.20 -26.22 21.15
CA GLU A 340 -27.70 -27.35 21.95
C GLU A 340 -26.16 -27.21 22.15
N LEU A 341 -25.36 -27.00 21.05
CA LEU A 341 -23.88 -26.90 21.12
C LEU A 341 -23.40 -25.66 21.87
N ALA A 342 -24.03 -24.51 21.63
CA ALA A 342 -23.67 -23.27 22.32
C ALA A 342 -23.94 -23.41 23.83
N SER A 343 -25.09 -24.01 24.24
CA SER A 343 -25.50 -24.13 25.65
C SER A 343 -24.71 -25.12 26.45
N LYS A 344 -24.15 -26.17 25.79
CA LYS A 344 -23.39 -27.23 26.46
C LYS A 344 -21.91 -26.85 26.64
N SER A 345 -21.43 -25.90 25.82
CA SER A 345 -20.06 -25.37 25.79
C SER A 345 -19.56 -25.09 27.23
N VAL A 346 -18.39 -25.64 27.59
CA VAL A 346 -17.85 -25.49 28.93
C VAL A 346 -17.11 -24.18 29.03
N VAL A 347 -17.67 -23.23 29.82
CA VAL A 347 -17.10 -21.89 30.04
C VAL A 347 -16.38 -21.95 31.38
N GLY A 348 -15.14 -21.50 31.42
CA GLY A 348 -14.39 -21.56 32.67
C GLY A 348 -12.92 -21.32 32.51
N ASP A 349 -12.16 -21.76 33.54
CA ASP A 349 -10.71 -21.63 33.64
C ASP A 349 -9.99 -22.10 32.36
N PRO A 350 -9.31 -21.18 31.63
CA PRO A 350 -8.61 -21.61 30.39
C PRO A 350 -7.45 -22.62 30.56
N PHE A 351 -7.01 -22.82 31.82
CA PHE A 351 -5.97 -23.77 32.18
C PHE A 351 -6.52 -25.19 32.30
N ASN A 352 -7.85 -25.32 32.47
CA ASN A 352 -8.53 -26.60 32.59
C ASN A 352 -8.74 -27.19 31.20
N PRO A 353 -8.23 -28.41 30.93
CA PRO A 353 -8.39 -29.01 29.58
C PRO A 353 -9.81 -29.36 29.14
N SER A 354 -10.77 -29.41 30.07
CA SER A 354 -12.17 -29.71 29.74
C SER A 354 -12.94 -28.42 29.31
N VAL A 355 -12.32 -27.25 29.52
CA VAL A 355 -12.89 -25.94 29.18
C VAL A 355 -12.74 -25.65 27.69
N SER A 356 -13.82 -25.16 27.10
CA SER A 356 -13.93 -24.81 25.68
C SER A 356 -13.88 -23.28 25.45
N GLN A 357 -14.19 -22.48 26.49
CA GLN A 357 -14.27 -21.02 26.39
C GLN A 357 -13.78 -20.33 27.66
N GLY A 358 -12.74 -19.52 27.51
CA GLY A 358 -12.15 -18.74 28.59
C GLY A 358 -12.81 -17.40 28.80
N PRO A 359 -12.25 -16.51 29.66
CA PRO A 359 -12.88 -15.19 29.87
C PRO A 359 -12.52 -14.22 28.77
N GLN A 360 -13.23 -13.09 28.67
CA GLN A 360 -12.91 -12.03 27.71
C GLN A 360 -11.57 -11.41 28.17
N VAL A 361 -10.82 -10.74 27.26
CA VAL A 361 -9.47 -10.22 27.60
C VAL A 361 -9.38 -9.41 28.90
N ASP A 362 -10.33 -8.44 29.08
CA ASP A 362 -10.36 -7.51 30.20
C ASP A 362 -11.76 -6.94 30.41
N LYS A 363 -11.91 -6.02 31.38
CA LYS A 363 -13.16 -5.37 31.77
C LYS A 363 -13.83 -4.61 30.62
N ASP A 364 -13.06 -3.79 29.86
CA ASP A 364 -13.62 -3.00 28.75
C ASP A 364 -14.30 -3.86 27.66
N GLN A 365 -13.63 -4.96 27.25
CA GLN A 365 -14.10 -5.90 26.25
C GLN A 365 -15.36 -6.63 26.74
N TYR A 366 -15.31 -7.09 27.99
CA TYR A 366 -16.40 -7.78 28.67
C TYR A 366 -17.65 -6.89 28.67
N GLU A 367 -17.50 -5.62 29.11
CA GLU A 367 -18.56 -4.62 29.17
C GLU A 367 -19.10 -4.25 27.80
N LYS A 368 -18.22 -4.14 26.80
CA LYS A 368 -18.57 -3.85 25.41
C LYS A 368 -19.47 -4.99 24.83
N VAL A 369 -19.09 -6.26 25.07
CA VAL A 369 -19.86 -7.43 24.63
C VAL A 369 -21.26 -7.40 25.30
N LEU A 370 -21.29 -7.08 26.60
CA LEU A 370 -22.55 -6.95 27.35
C LEU A 370 -23.44 -5.82 26.78
N ARG A 371 -22.84 -4.69 26.33
CA ARG A 371 -23.63 -3.59 25.74
C ARG A 371 -24.26 -4.01 24.43
N TYR A 372 -23.51 -4.74 23.61
CA TYR A 372 -24.01 -5.26 22.34
C TYR A 372 -25.11 -6.30 22.54
N ILE A 373 -25.00 -7.12 23.59
CA ILE A 373 -26.03 -8.11 23.93
C ILE A 373 -27.31 -7.37 24.28
N ASP A 374 -27.18 -6.31 25.13
CA ASP A 374 -28.32 -5.46 25.47
C ASP A 374 -28.93 -4.75 24.26
N ILE A 375 -28.11 -4.11 23.35
CA ILE A 375 -28.61 -3.48 22.09
C ILE A 375 -29.41 -4.56 21.23
N GLY A 376 -28.87 -5.78 21.12
CA GLY A 376 -29.48 -6.91 20.42
C GLY A 376 -30.90 -7.17 20.87
N LYS A 377 -31.10 -7.23 22.20
CA LYS A 377 -32.43 -7.40 22.83
C LYS A 377 -33.31 -6.17 22.56
N ARG A 378 -32.78 -4.95 22.82
CA ARG A 378 -33.55 -3.72 22.64
C ARG A 378 -33.96 -3.44 21.19
N GLU A 379 -33.19 -3.94 20.21
CA GLU A 379 -33.49 -3.75 18.79
C GLU A 379 -34.46 -4.81 18.22
N GLY A 380 -34.97 -5.70 19.06
CA GLY A 380 -35.97 -6.68 18.65
C GLY A 380 -35.51 -8.07 18.23
N ALA A 381 -34.22 -8.42 18.42
CA ALA A 381 -33.75 -9.77 18.07
C ALA A 381 -34.21 -10.79 19.15
N THR A 382 -34.29 -12.08 18.80
CA THR A 382 -34.73 -13.11 19.73
C THR A 382 -33.52 -13.79 20.39
N LEU A 383 -33.47 -13.82 21.72
CA LEU A 383 -32.37 -14.48 22.45
C LEU A 383 -32.65 -15.97 22.56
N VAL A 384 -31.85 -16.78 21.86
CA VAL A 384 -32.01 -18.23 21.84
C VAL A 384 -31.27 -18.87 23.03
N THR A 385 -30.09 -18.35 23.33
CA THR A 385 -29.28 -18.87 24.42
C THR A 385 -28.25 -17.84 24.87
N GLY A 386 -27.78 -18.00 26.10
CA GLY A 386 -26.78 -17.16 26.72
C GLY A 386 -27.27 -15.75 26.96
N GLY A 387 -26.51 -14.77 26.47
CA GLY A 387 -26.86 -13.36 26.61
C GLY A 387 -26.71 -12.79 28.00
N LYS A 388 -25.85 -13.40 28.82
CA LYS A 388 -25.62 -12.97 30.21
C LYS A 388 -24.22 -13.41 30.71
N PRO A 389 -23.64 -12.69 31.70
CA PRO A 389 -22.35 -13.14 32.23
C PRO A 389 -22.53 -14.38 33.12
N CYS A 390 -21.45 -15.13 33.35
CA CYS A 390 -21.51 -16.30 34.21
C CYS A 390 -20.32 -16.40 35.15
N GLY A 391 -20.46 -17.19 36.21
CA GLY A 391 -19.41 -17.39 37.20
C GLY A 391 -19.36 -16.33 38.29
N ASP A 392 -18.57 -16.61 39.34
CA ASP A 392 -18.37 -15.71 40.48
C ASP A 392 -17.42 -14.56 40.10
N LYS A 393 -16.24 -14.90 39.59
CA LYS A 393 -15.20 -13.95 39.19
C LYS A 393 -14.73 -14.22 37.78
N GLY A 394 -14.08 -13.21 37.20
CA GLY A 394 -13.55 -13.31 35.85
C GLY A 394 -14.52 -12.75 34.84
N TYR A 395 -14.01 -12.45 33.64
CA TYR A 395 -14.81 -11.84 32.59
C TYR A 395 -15.45 -12.84 31.64
N TYR A 396 -16.26 -13.73 32.21
CA TYR A 396 -16.93 -14.81 31.48
C TYR A 396 -18.31 -14.42 31.01
N ILE A 397 -18.58 -14.65 29.72
CA ILE A 397 -19.86 -14.37 29.06
C ILE A 397 -20.32 -15.67 28.39
N GLU A 398 -21.60 -16.02 28.59
CA GLU A 398 -22.19 -17.22 28.02
C GLU A 398 -22.26 -17.13 26.49
N PRO A 399 -21.93 -18.24 25.76
CA PRO A 399 -22.08 -18.21 24.29
C PRO A 399 -23.52 -17.81 23.95
N THR A 400 -23.65 -16.80 23.09
CA THR A 400 -24.93 -16.18 22.79
C THR A 400 -25.41 -16.38 21.37
N ILE A 401 -26.70 -16.72 21.22
CA ILE A 401 -27.32 -16.82 19.91
C ILE A 401 -28.49 -15.86 19.80
N PHE A 402 -28.49 -15.02 18.75
CA PHE A 402 -29.65 -14.20 18.45
C PHE A 402 -30.24 -14.67 17.11
N THR A 403 -31.56 -14.87 17.07
CA THR A 403 -32.30 -15.16 15.84
C THR A 403 -33.19 -13.94 15.55
N ASP A 404 -33.88 -13.93 14.38
CA ASP A 404 -34.76 -12.84 13.93
C ASP A 404 -33.98 -11.55 13.84
N VAL A 405 -32.74 -11.69 13.32
CA VAL A 405 -31.82 -10.59 13.14
C VAL A 405 -32.05 -10.05 11.73
N LYS A 406 -32.26 -8.76 11.63
CA LYS A 406 -32.47 -8.05 10.38
C LYS A 406 -31.12 -7.43 10.01
N ASP A 407 -30.88 -7.30 8.71
CA ASP A 407 -29.60 -6.80 8.15
C ASP A 407 -29.17 -5.40 8.56
N ASP A 408 -30.15 -4.53 8.90
CA ASP A 408 -30.00 -3.12 9.33
C ASP A 408 -29.81 -2.95 10.86
N MET A 409 -29.87 -4.04 11.63
CA MET A 409 -29.69 -4.03 13.09
C MET A 409 -28.21 -3.82 13.43
N THR A 410 -27.94 -3.15 14.57
CA THR A 410 -26.58 -2.89 15.10
C THR A 410 -25.74 -4.19 15.27
N ILE A 411 -26.35 -5.27 15.78
CA ILE A 411 -25.67 -6.56 15.99
C ILE A 411 -25.38 -7.30 14.69
N ALA A 412 -26.02 -6.88 13.59
CA ALA A 412 -25.78 -7.44 12.26
C ALA A 412 -24.72 -6.60 11.50
N GLN A 413 -24.43 -5.38 11.98
CA GLN A 413 -23.54 -4.43 11.33
C GLN A 413 -22.24 -4.13 12.05
N ASP A 414 -22.22 -4.14 13.40
CA ASP A 414 -20.98 -3.77 14.14
C ASP A 414 -20.21 -4.99 14.64
N GLU A 415 -18.87 -4.89 14.66
CA GLU A 415 -18.02 -5.98 15.15
C GLU A 415 -18.13 -6.02 16.69
N ILE A 416 -18.61 -7.15 17.20
CA ILE A 416 -18.82 -7.31 18.64
C ILE A 416 -17.56 -7.79 19.36
N PHE A 417 -16.79 -8.70 18.72
CA PHE A 417 -15.56 -9.31 19.26
C PHE A 417 -15.86 -10.09 20.56
N GLY A 418 -16.94 -10.85 20.51
CA GLY A 418 -17.42 -11.63 21.64
C GLY A 418 -18.20 -12.84 21.23
N PRO A 419 -18.55 -13.72 22.21
CA PRO A 419 -19.23 -14.99 21.86
C PRO A 419 -20.71 -14.78 21.54
N VAL A 420 -20.98 -14.08 20.43
CA VAL A 420 -22.33 -13.67 20.02
C VAL A 420 -22.54 -14.01 18.54
N MET A 421 -23.55 -14.82 18.27
CA MET A 421 -23.93 -15.24 16.92
C MET A 421 -25.22 -14.52 16.50
N ALA A 422 -25.29 -14.07 15.23
CA ALA A 422 -26.51 -13.50 14.62
C ALA A 422 -26.90 -14.55 13.56
N LEU A 423 -27.93 -15.35 13.89
CA LEU A 423 -28.40 -16.47 13.09
C LEU A 423 -29.60 -16.08 12.21
N MET A 424 -29.42 -16.20 10.88
CA MET A 424 -30.40 -15.73 9.93
C MET A 424 -30.74 -16.76 8.85
N LYS A 425 -31.86 -16.53 8.18
CA LYS A 425 -32.38 -17.40 7.14
C LYS A 425 -32.32 -16.70 5.76
N PHE A 426 -32.18 -17.50 4.69
CA PHE A 426 -32.18 -17.00 3.31
C PHE A 426 -32.81 -18.04 2.41
N LYS A 427 -33.30 -17.59 1.24
CA LYS A 427 -33.90 -18.47 0.26
C LYS A 427 -32.95 -18.72 -0.91
N THR A 428 -32.48 -17.65 -1.59
CA THR A 428 -31.66 -17.82 -2.80
C THR A 428 -30.20 -17.45 -2.66
N VAL A 429 -29.38 -17.96 -3.59
CA VAL A 429 -27.94 -17.68 -3.76
C VAL A 429 -27.73 -16.14 -3.95
N GLU A 430 -28.51 -15.53 -4.86
CA GLU A 430 -28.42 -14.11 -5.23
C GLU A 430 -28.68 -13.23 -4.03
N GLU A 431 -29.67 -13.60 -3.22
CA GLU A 431 -30.10 -12.95 -1.99
C GLU A 431 -28.95 -13.01 -0.95
N VAL A 432 -28.36 -14.21 -0.78
CA VAL A 432 -27.32 -14.39 0.23
C VAL A 432 -25.99 -13.71 -0.10
N ILE A 433 -25.67 -13.58 -1.42
CA ILE A 433 -24.48 -12.86 -1.89
C ILE A 433 -24.63 -11.41 -1.48
N GLN A 434 -25.84 -10.82 -1.66
CA GLN A 434 -26.13 -9.43 -1.28
C GLN A 434 -26.06 -9.24 0.23
N LYS A 435 -26.65 -10.16 0.99
CA LYS A 435 -26.58 -10.16 2.46
C LYS A 435 -25.13 -10.27 2.98
N ALA A 436 -24.34 -11.20 2.41
CA ALA A 436 -22.93 -11.39 2.79
C ALA A 436 -22.12 -10.10 2.59
N ASN A 437 -22.42 -9.35 1.51
CA ASN A 437 -21.72 -8.12 1.15
C ASN A 437 -22.36 -6.87 1.78
N ASN A 438 -23.49 -7.02 2.50
CA ASN A 438 -24.18 -5.89 3.16
C ASN A 438 -23.47 -5.58 4.50
N THR A 439 -22.25 -5.01 4.43
CA THR A 439 -21.36 -4.75 5.55
C THR A 439 -20.27 -3.78 5.09
N ARG A 440 -19.65 -3.05 6.04
CA ARG A 440 -18.53 -2.13 5.77
C ARG A 440 -17.23 -2.93 5.58
N TYR A 441 -17.20 -4.11 6.18
CA TYR A 441 -16.04 -5.00 6.24
C TYR A 441 -15.94 -5.98 5.07
N GLY A 442 -14.79 -6.67 4.96
CA GLY A 442 -14.49 -7.66 3.93
C GLY A 442 -13.24 -8.43 4.27
N LEU A 443 -13.20 -9.09 5.43
CA LEU A 443 -12.01 -9.82 5.85
C LEU A 443 -12.07 -11.26 5.43
N ALA A 444 -13.10 -11.99 5.89
CA ALA A 444 -13.25 -13.42 5.58
C ALA A 444 -14.70 -13.81 5.53
N ALA A 445 -14.98 -14.99 4.93
CA ALA A 445 -16.32 -15.55 4.82
C ALA A 445 -16.20 -17.05 4.73
N GLY A 446 -17.21 -17.75 5.23
CA GLY A 446 -17.29 -19.19 5.20
C GLY A 446 -18.47 -19.61 4.35
N ILE A 447 -18.31 -20.69 3.57
CA ILE A 447 -19.36 -21.24 2.71
C ILE A 447 -19.43 -22.72 3.03
N VAL A 448 -20.65 -23.24 3.27
CA VAL A 448 -20.86 -24.66 3.53
C VAL A 448 -21.82 -25.18 2.46
N THR A 449 -21.28 -25.93 1.48
CA THR A 449 -22.02 -26.55 0.36
C THR A 449 -21.17 -27.68 -0.24
N LYS A 450 -21.83 -28.64 -0.88
CA LYS A 450 -21.14 -29.74 -1.55
C LYS A 450 -21.07 -29.48 -3.05
N ASN A 451 -21.90 -28.56 -3.56
CA ASN A 451 -22.00 -28.30 -4.99
C ASN A 451 -20.87 -27.40 -5.49
N ILE A 452 -20.08 -27.90 -6.47
CA ILE A 452 -18.95 -27.17 -7.09
C ILE A 452 -19.32 -25.77 -7.65
N ASP A 453 -20.46 -25.66 -8.36
CA ASP A 453 -20.95 -24.44 -8.99
C ASP A 453 -21.39 -23.37 -8.00
N VAL A 454 -22.16 -23.74 -6.97
CA VAL A 454 -22.55 -22.81 -5.91
C VAL A 454 -21.27 -22.30 -5.22
N ALA A 455 -20.34 -23.20 -4.88
CA ALA A 455 -19.09 -22.83 -4.21
C ALA A 455 -18.29 -21.82 -5.04
N ASN A 456 -18.16 -22.06 -6.36
CA ASN A 456 -17.45 -21.14 -7.26
C ASN A 456 -18.15 -19.82 -7.42
N THR A 457 -19.49 -19.81 -7.62
CA THR A 457 -20.27 -18.57 -7.78
C THR A 457 -20.19 -17.71 -6.52
N VAL A 458 -20.46 -18.31 -5.35
CA VAL A 458 -20.47 -17.62 -4.06
C VAL A 458 -19.10 -17.08 -3.69
N SER A 459 -18.02 -17.91 -3.79
CA SER A 459 -16.65 -17.51 -3.44
C SER A 459 -16.14 -16.33 -4.27
N ARG A 460 -16.47 -16.31 -5.57
CA ARG A 460 -16.05 -15.23 -6.45
C ARG A 460 -16.83 -13.94 -6.23
N SER A 461 -18.03 -14.04 -5.68
CA SER A 461 -18.99 -12.93 -5.46
C SER A 461 -18.91 -12.24 -4.09
N ILE A 462 -18.34 -12.92 -3.08
CA ILE A 462 -18.23 -12.28 -1.77
C ILE A 462 -16.98 -11.42 -1.79
N ARG A 463 -17.14 -10.15 -1.43
CA ARG A 463 -16.04 -9.20 -1.37
C ARG A 463 -15.33 -9.30 0.00
N ALA A 464 -14.57 -10.37 0.19
CA ALA A 464 -13.77 -10.63 1.40
C ALA A 464 -12.42 -11.25 0.96
N GLY A 465 -11.36 -10.93 1.70
CA GLY A 465 -10.01 -11.39 1.40
C GLY A 465 -9.78 -12.87 1.52
N ALA A 466 -10.57 -13.58 2.35
CA ALA A 466 -10.39 -15.00 2.54
C ALA A 466 -11.71 -15.72 2.51
N ILE A 467 -11.82 -16.77 1.66
CA ILE A 467 -13.04 -17.56 1.54
C ILE A 467 -12.74 -18.99 1.97
N TRP A 468 -13.45 -19.48 3.00
CA TRP A 468 -13.25 -20.81 3.54
C TRP A 468 -14.43 -21.67 3.21
N ILE A 469 -14.21 -22.64 2.31
CA ILE A 469 -15.24 -23.53 1.84
C ILE A 469 -15.17 -24.83 2.57
N ASN A 470 -16.23 -25.18 3.33
CA ASN A 470 -16.33 -26.44 4.08
C ASN A 470 -15.24 -26.62 5.15
N CYS A 471 -14.76 -25.48 5.68
CA CYS A 471 -13.70 -25.38 6.69
C CYS A 471 -13.77 -23.98 7.23
N TYR A 472 -13.01 -23.69 8.26
CA TYR A 472 -12.95 -22.35 8.84
C TYR A 472 -11.60 -22.09 9.46
N PHE A 473 -11.16 -20.81 9.53
CA PHE A 473 -9.86 -20.40 10.07
C PHE A 473 -8.77 -21.20 9.36
N ALA A 474 -8.89 -21.37 8.03
CA ALA A 474 -7.92 -22.14 7.26
C ALA A 474 -6.70 -21.28 6.92
N PHE A 475 -6.07 -20.73 7.96
CA PHE A 475 -4.86 -19.93 7.82
C PHE A 475 -3.74 -20.89 7.53
N ASP A 476 -2.75 -20.44 6.79
CA ASP A 476 -1.58 -21.25 6.47
C ASP A 476 -0.43 -20.31 6.22
N PRO A 477 0.80 -20.63 6.67
CA PRO A 477 1.94 -19.76 6.36
C PRO A 477 2.06 -19.39 4.87
N ASP A 478 1.66 -20.29 3.95
CA ASP A 478 1.75 -20.07 2.50
C ASP A 478 0.59 -19.27 1.88
N ALA A 479 -0.47 -19.04 2.66
CA ALA A 479 -1.67 -18.37 2.18
C ALA A 479 -1.74 -16.91 2.65
N PRO A 480 -1.75 -15.92 1.70
CA PRO A 480 -1.87 -14.51 2.11
C PRO A 480 -3.22 -14.23 2.76
N PHE A 481 -3.22 -13.36 3.78
CA PHE A 481 -4.40 -13.02 4.52
C PHE A 481 -4.49 -11.50 4.66
N GLY A 482 -5.62 -10.94 4.25
CA GLY A 482 -5.85 -9.50 4.31
C GLY A 482 -7.24 -9.15 3.86
N GLY A 483 -7.74 -8.01 4.30
CA GLY A 483 -9.10 -7.58 4.03
C GLY A 483 -9.36 -6.75 2.80
N TYR A 484 -10.65 -6.59 2.53
CA TYR A 484 -11.22 -5.75 1.49
C TYR A 484 -11.94 -4.66 2.28
N LYS A 485 -12.38 -3.59 1.59
CA LYS A 485 -13.25 -2.56 2.16
C LYS A 485 -12.71 -1.99 3.47
N MET A 486 -13.53 -1.86 4.52
CA MET A 486 -13.09 -1.33 5.80
C MET A 486 -12.34 -2.29 6.71
N SER A 487 -12.07 -3.52 6.25
CA SER A 487 -11.25 -4.45 7.01
C SER A 487 -9.74 -4.09 6.83
N GLY A 488 -9.43 -3.19 5.89
CA GLY A 488 -8.07 -2.71 5.67
C GLY A 488 -7.48 -3.15 4.35
N PHE A 489 -6.14 -3.17 4.29
CA PHE A 489 -5.37 -3.52 3.08
C PHE A 489 -3.98 -4.01 3.49
N GLY A 490 -3.35 -4.75 2.59
CA GLY A 490 -2.03 -5.36 2.80
C GLY A 490 -2.23 -6.77 3.28
N LYS A 491 -1.24 -7.62 3.11
CA LYS A 491 -1.34 -9.02 3.51
C LYS A 491 -0.37 -9.42 4.59
N ASP A 492 -0.84 -10.32 5.47
CA ASP A 492 -0.04 -11.01 6.47
C ASP A 492 -0.06 -12.45 5.98
N MET A 493 1.01 -13.22 6.24
CA MET A 493 1.13 -14.61 5.77
C MET A 493 1.37 -14.69 4.25
N GLY A 494 1.90 -15.82 3.80
CA GLY A 494 2.24 -16.04 2.41
C GLY A 494 3.50 -15.29 2.01
N MET A 495 3.89 -15.43 0.76
CA MET A 495 5.03 -14.72 0.20
C MET A 495 4.70 -13.21 0.11
N ASP A 496 3.41 -12.85 0.04
CA ASP A 496 2.92 -11.45 -0.01
C ASP A 496 3.38 -10.63 1.18
N ALA A 497 3.40 -11.24 2.39
CA ALA A 497 3.83 -10.57 3.62
C ALA A 497 5.33 -10.23 3.52
N LEU A 498 6.14 -11.15 2.97
CA LEU A 498 7.56 -10.93 2.75
C LEU A 498 7.75 -9.75 1.79
N ASP A 499 6.98 -9.73 0.68
CA ASP A 499 7.03 -8.64 -0.28
C ASP A 499 6.77 -7.24 0.30
N LYS A 500 5.96 -7.11 1.34
CA LYS A 500 5.73 -5.78 1.88
C LYS A 500 6.92 -5.21 2.68
N TYR A 501 7.93 -6.04 3.02
CA TYR A 501 9.12 -5.55 3.72
C TYR A 501 10.31 -5.37 2.80
N LEU A 502 10.08 -5.55 1.48
CA LEU A 502 11.05 -5.37 0.41
C LEU A 502 10.65 -4.21 -0.50
N GLN A 503 11.61 -3.36 -0.85
CA GLN A 503 11.39 -2.31 -1.84
C GLN A 503 11.76 -2.95 -3.18
N THR A 504 11.18 -2.45 -4.27
CA THR A 504 11.54 -2.85 -5.63
C THR A 504 12.32 -1.67 -6.20
N LYS A 505 13.56 -1.89 -6.59
CA LYS A 505 14.42 -0.85 -7.19
C LYS A 505 14.64 -1.23 -8.64
N THR A 506 14.29 -0.35 -9.57
CA THR A 506 14.50 -0.58 -11.00
C THR A 506 15.87 0.00 -11.38
N VAL A 507 16.75 -0.82 -11.97
CA VAL A 507 18.08 -0.41 -12.42
C VAL A 507 18.15 -0.59 -13.94
N VAL A 508 18.60 0.43 -14.70
CA VAL A 508 18.63 0.38 -16.18
C VAL A 508 19.93 0.93 -16.71
N THR A 509 20.46 0.29 -17.76
CA THR A 509 21.69 0.72 -18.45
C THR A 509 21.53 0.46 -19.94
N PRO A 510 22.14 1.26 -20.85
CA PRO A 510 22.02 0.91 -22.28
C PRO A 510 22.82 -0.34 -22.61
N LEU A 511 22.58 -0.91 -23.77
CA LEU A 511 23.30 -2.10 -24.25
C LEU A 511 23.91 -1.74 -25.56
N TYR A 512 25.04 -2.38 -25.88
CA TYR A 512 25.78 -2.15 -27.13
C TYR A 512 26.06 -3.49 -27.82
N ASN A 513 25.83 -3.53 -29.12
CA ASN A 513 26.10 -4.72 -29.95
C ASN A 513 25.50 -6.01 -29.38
N THR A 514 24.25 -5.97 -28.99
CA THR A 514 23.62 -7.16 -28.46
C THR A 514 23.11 -8.05 -29.59
N PRO A 515 23.45 -9.37 -29.60
CA PRO A 515 22.93 -10.26 -30.68
C PRO A 515 21.43 -10.64 -30.52
N TRP A 516 20.81 -10.28 -29.41
CA TRP A 516 19.40 -10.54 -29.13
C TRP A 516 18.91 -9.48 -28.15
N LEU A 517 17.60 -9.22 -28.18
CA LEU A 517 16.95 -8.24 -27.29
C LEU A 517 15.55 -8.79 -26.90
N VAL B 32 -4.71 26.30 -32.09
CA VAL B 32 -5.16 24.97 -31.66
C VAL B 32 -6.66 25.00 -31.33
N GLU B 33 -7.45 24.04 -31.87
CA GLU B 33 -8.89 23.97 -31.64
C GLU B 33 -9.24 23.05 -30.51
N VAL B 34 -10.24 23.43 -29.70
CA VAL B 34 -10.69 22.61 -28.58
C VAL B 34 -12.13 22.21 -28.85
N ARG B 35 -12.39 20.89 -28.99
CA ARG B 35 -13.75 20.41 -29.22
C ARG B 35 -14.35 19.68 -28.02
N PHE B 36 -13.50 19.25 -27.07
CA PHE B 36 -13.96 18.55 -25.87
C PHE B 36 -13.70 19.43 -24.67
N THR B 37 -14.78 20.03 -24.14
CA THR B 37 -14.74 20.99 -23.03
C THR B 37 -15.64 20.62 -21.83
N LYS B 38 -16.49 19.58 -21.97
CA LYS B 38 -17.43 19.19 -20.92
C LYS B 38 -16.90 18.07 -20.02
N LEU B 39 -17.65 17.71 -18.96
CA LEU B 39 -17.26 16.57 -18.13
C LEU B 39 -17.63 15.29 -18.89
N PHE B 40 -16.95 14.18 -18.61
CA PHE B 40 -17.32 12.92 -19.23
C PHE B 40 -17.75 11.99 -18.13
N ILE B 41 -19.09 11.84 -18.00
CA ILE B 41 -19.71 11.01 -16.96
C ILE B 41 -20.69 10.08 -17.64
N ASP B 42 -20.61 8.77 -17.32
CA ASP B 42 -21.52 7.72 -17.82
C ASP B 42 -21.61 7.63 -19.36
N GLY B 43 -20.46 7.75 -20.02
CA GLY B 43 -20.33 7.63 -21.46
C GLY B 43 -20.83 8.82 -22.24
N LYS B 44 -21.05 9.94 -21.54
CA LYS B 44 -21.60 11.16 -22.11
C LYS B 44 -20.81 12.37 -21.70
N PHE B 45 -20.72 13.36 -22.59
CA PHE B 45 -20.11 14.66 -22.32
C PHE B 45 -21.24 15.53 -21.77
N VAL B 46 -21.09 15.97 -20.51
CA VAL B 46 -22.11 16.75 -19.80
C VAL B 46 -21.52 17.98 -19.14
N ASP B 47 -22.37 18.98 -18.90
CA ASP B 47 -21.97 20.20 -18.20
C ASP B 47 -21.93 19.88 -16.71
N ALA B 48 -21.25 20.71 -15.91
CA ALA B 48 -21.21 20.56 -14.46
C ALA B 48 -22.62 20.83 -13.94
N VAL B 49 -23.02 20.20 -12.80
CA VAL B 49 -24.35 20.37 -12.18
C VAL B 49 -24.63 21.87 -11.91
N SER B 50 -23.58 22.63 -11.55
CA SER B 50 -23.65 24.05 -11.27
C SER B 50 -23.78 24.95 -12.52
N GLY B 51 -23.39 24.41 -13.67
CA GLY B 51 -23.36 25.16 -14.92
C GLY B 51 -22.09 25.98 -15.10
N LYS B 52 -21.20 25.96 -14.08
CA LYS B 52 -19.94 26.71 -14.03
C LYS B 52 -18.86 26.18 -14.97
N THR B 53 -17.95 27.08 -15.38
CA THR B 53 -16.81 26.79 -16.24
C THR B 53 -15.55 27.48 -15.69
N PHE B 54 -14.38 26.92 -15.99
CA PHE B 54 -13.11 27.52 -15.60
C PHE B 54 -12.26 27.65 -16.87
N GLU B 55 -11.23 28.51 -16.84
CA GLU B 55 -10.42 28.70 -18.03
C GLU B 55 -9.07 28.06 -17.98
N THR B 56 -8.63 27.56 -19.14
CA THR B 56 -7.30 26.98 -19.30
C THR B 56 -6.50 27.98 -20.15
N ARG B 57 -5.27 28.27 -19.73
CA ARG B 57 -4.44 29.26 -20.40
C ARG B 57 -3.23 28.69 -21.09
N ASP B 58 -2.77 29.38 -22.15
CA ASP B 58 -1.61 28.98 -22.95
C ASP B 58 -0.36 29.67 -22.35
N PRO B 59 0.61 28.90 -21.80
CA PRO B 59 1.81 29.54 -21.19
C PRO B 59 2.71 30.38 -22.11
N ARG B 60 2.47 30.32 -23.42
CA ARG B 60 3.15 31.08 -24.44
C ARG B 60 2.73 32.53 -24.36
N THR B 61 1.45 32.79 -23.99
CA THR B 61 0.88 34.14 -23.96
C THR B 61 0.13 34.51 -22.67
N GLY B 62 -0.37 33.51 -21.96
CA GLY B 62 -1.21 33.71 -20.78
C GLY B 62 -2.66 33.93 -21.19
N GLU B 63 -2.95 33.78 -22.50
CA GLU B 63 -4.28 33.97 -23.04
C GLU B 63 -5.11 32.71 -22.82
N VAL B 64 -6.44 32.88 -22.69
CA VAL B 64 -7.40 31.80 -22.49
C VAL B 64 -7.48 30.94 -23.77
N ILE B 65 -7.33 29.60 -23.62
CA ILE B 65 -7.41 28.61 -24.70
C ILE B 65 -8.88 28.25 -24.90
N ALA B 66 -9.53 27.79 -23.80
CA ALA B 66 -10.92 27.35 -23.75
C ALA B 66 -11.48 27.48 -22.33
N SER B 67 -12.81 27.39 -22.22
CA SER B 67 -13.58 27.39 -20.98
C SER B 67 -14.04 25.94 -20.85
N ILE B 68 -13.70 25.31 -19.73
CA ILE B 68 -13.99 23.90 -19.43
C ILE B 68 -15.02 23.81 -18.32
N ALA B 69 -15.97 22.84 -18.42
CA ALA B 69 -16.96 22.60 -17.37
C ALA B 69 -16.20 22.36 -16.06
N GLU B 70 -16.62 23.03 -14.98
CA GLU B 70 -15.98 22.95 -13.67
C GLU B 70 -16.67 21.95 -12.76
N GLY B 71 -16.13 20.73 -12.70
CA GLY B 71 -16.67 19.69 -11.84
C GLY B 71 -16.40 19.96 -10.38
N ASP B 72 -17.39 19.70 -9.52
CA ASP B 72 -17.26 19.83 -8.08
C ASP B 72 -17.66 18.50 -7.42
N LYS B 73 -17.93 18.48 -6.10
CA LYS B 73 -18.35 17.31 -5.35
C LYS B 73 -19.59 16.62 -5.96
N ALA B 74 -20.56 17.39 -6.45
CA ALA B 74 -21.78 16.86 -7.05
C ALA B 74 -21.51 16.04 -8.33
N ASP B 75 -20.57 16.50 -9.16
CA ASP B 75 -20.17 15.84 -10.42
C ASP B 75 -19.36 14.56 -10.18
N VAL B 76 -18.47 14.59 -9.18
CA VAL B 76 -17.66 13.43 -8.73
C VAL B 76 -18.62 12.36 -8.23
N ASP B 77 -19.66 12.75 -7.47
CA ASP B 77 -20.69 11.86 -6.97
C ASP B 77 -21.42 11.17 -8.11
N LEU B 78 -21.74 11.92 -9.19
CA LEU B 78 -22.36 11.35 -10.38
C LEU B 78 -21.41 10.39 -11.14
N ALA B 79 -20.11 10.74 -11.24
CA ALA B 79 -19.09 9.90 -11.89
C ALA B 79 -18.87 8.61 -11.11
N VAL B 80 -18.78 8.71 -9.77
CA VAL B 80 -18.62 7.53 -8.92
C VAL B 80 -19.83 6.60 -9.04
N LYS B 81 -21.06 7.17 -9.05
CA LYS B 81 -22.27 6.36 -9.25
C LYS B 81 -22.27 5.67 -10.62
N ALA B 82 -21.76 6.35 -11.67
CA ALA B 82 -21.66 5.77 -13.03
C ALA B 82 -20.63 4.63 -13.03
N ALA B 83 -19.48 4.86 -12.36
CA ALA B 83 -18.42 3.87 -12.23
C ALA B 83 -18.88 2.68 -11.40
N ARG B 84 -19.63 2.95 -10.33
CA ARG B 84 -20.21 1.90 -9.49
C ARG B 84 -21.19 0.99 -10.28
N GLU B 85 -22.05 1.59 -11.12
CA GLU B 85 -23.02 0.85 -11.94
C GLU B 85 -22.29 0.00 -12.99
N ALA B 86 -21.27 0.59 -13.65
CA ALA B 86 -20.49 -0.09 -14.69
C ALA B 86 -19.71 -1.30 -14.12
N PHE B 87 -19.22 -1.18 -12.88
CA PHE B 87 -18.48 -2.25 -12.21
C PHE B 87 -19.44 -3.31 -11.62
N ASP B 88 -20.41 -2.88 -10.80
CA ASP B 88 -21.35 -3.79 -10.18
C ASP B 88 -22.26 -4.53 -11.13
N ASN B 89 -22.81 -3.85 -12.15
CA ASN B 89 -23.75 -4.51 -13.04
C ASN B 89 -23.41 -4.47 -14.51
N GLY B 90 -22.34 -3.78 -14.87
CA GLY B 90 -21.97 -3.63 -16.26
C GLY B 90 -21.12 -4.74 -16.84
N PRO B 91 -21.04 -4.75 -18.18
CA PRO B 91 -20.27 -5.78 -18.89
C PRO B 91 -18.75 -5.79 -18.71
N TRP B 92 -18.11 -4.63 -18.53
CA TRP B 92 -16.64 -4.52 -18.46
C TRP B 92 -15.89 -5.50 -17.57
N PRO B 93 -16.16 -5.62 -16.25
CA PRO B 93 -15.40 -6.63 -15.47
C PRO B 93 -15.84 -8.07 -15.81
N ARG B 94 -17.03 -8.24 -16.44
CA ARG B 94 -17.55 -9.55 -16.80
C ARG B 94 -16.93 -10.08 -18.10
N MET B 95 -16.27 -9.18 -18.85
CA MET B 95 -15.59 -9.52 -20.08
C MET B 95 -14.40 -10.37 -19.74
N THR B 96 -13.93 -11.18 -20.69
CA THR B 96 -12.69 -11.94 -20.48
C THR B 96 -11.55 -10.90 -20.57
N GLY B 97 -10.38 -11.20 -20.00
CA GLY B 97 -9.22 -10.32 -20.11
C GLY B 97 -8.87 -10.07 -21.57
N TYR B 98 -8.99 -11.10 -22.42
CA TYR B 98 -8.74 -11.00 -23.84
C TYR B 98 -9.63 -9.96 -24.51
N GLU B 99 -10.93 -9.95 -24.19
CA GLU B 99 -11.82 -8.97 -24.79
C GLU B 99 -11.62 -7.54 -24.29
N ARG B 100 -11.15 -7.35 -23.04
CA ARG B 100 -10.81 -6.01 -22.52
C ARG B 100 -9.55 -5.53 -23.26
N GLY B 101 -8.59 -6.45 -23.46
CA GLY B 101 -7.35 -6.21 -24.20
C GLY B 101 -7.59 -5.78 -25.63
N ARG B 102 -8.52 -6.43 -26.32
CA ARG B 102 -8.84 -6.08 -27.70
C ARG B 102 -9.37 -4.66 -27.79
N ILE B 103 -10.24 -4.28 -26.82
CA ILE B 103 -10.79 -2.94 -26.73
C ILE B 103 -9.66 -1.93 -26.44
N LEU B 104 -8.70 -2.27 -25.54
CA LEU B 104 -7.58 -1.38 -25.23
C LEU B 104 -6.60 -1.24 -26.40
N HIS B 105 -6.44 -2.29 -27.22
CA HIS B 105 -5.59 -2.26 -28.40
C HIS B 105 -6.18 -1.31 -29.47
N ARG B 106 -7.52 -1.30 -29.60
CA ARG B 106 -8.25 -0.39 -30.48
C ARG B 106 -8.13 1.06 -29.97
N PHE B 107 -8.17 1.24 -28.66
CA PHE B 107 -8.01 2.52 -27.99
C PHE B 107 -6.60 3.08 -28.29
N ALA B 108 -5.55 2.21 -28.16
CA ALA B 108 -4.15 2.57 -28.47
C ALA B 108 -4.01 2.97 -29.95
N ASP B 109 -4.64 2.21 -30.87
CA ASP B 109 -4.59 2.55 -32.29
C ASP B 109 -5.19 3.93 -32.57
N LEU B 110 -6.29 4.28 -31.91
CA LEU B 110 -6.96 5.57 -32.07
C LEU B 110 -6.08 6.72 -31.57
N ILE B 111 -5.35 6.50 -30.46
CA ILE B 111 -4.42 7.49 -29.93
C ILE B 111 -3.38 7.83 -31.03
N ASP B 112 -2.81 6.80 -31.67
CA ASP B 112 -1.82 6.87 -32.73
C ASP B 112 -2.32 7.59 -33.96
N GLU B 113 -3.61 7.52 -34.26
CA GLU B 113 -4.13 8.22 -35.42
C GLU B 113 -4.44 9.69 -35.15
N HIS B 114 -4.47 10.09 -33.86
CA HIS B 114 -4.74 11.48 -33.47
C HIS B 114 -3.51 12.11 -32.82
N VAL B 115 -2.33 11.55 -33.10
CA VAL B 115 -1.02 11.96 -32.60
C VAL B 115 -0.69 13.44 -32.70
N GLU B 116 -0.98 14.06 -33.84
CA GLU B 116 -0.72 15.49 -34.09
C GLU B 116 -1.63 16.40 -33.27
N GLU B 117 -2.93 16.13 -33.30
CA GLU B 117 -3.93 16.84 -32.52
C GLU B 117 -3.66 16.69 -31.01
N LEU B 118 -3.37 15.47 -30.54
CA LEU B 118 -3.05 15.22 -29.13
C LEU B 118 -1.81 15.97 -28.66
N ALA B 119 -0.72 15.94 -29.46
CA ALA B 119 0.51 16.64 -29.14
C ALA B 119 0.29 18.15 -29.07
N ALA B 120 -0.52 18.68 -30.02
CA ALA B 120 -0.84 20.11 -30.10
C ALA B 120 -1.57 20.56 -28.82
N LEU B 121 -2.53 19.73 -28.34
CA LEU B 121 -3.32 19.97 -27.12
C LEU B 121 -2.43 20.07 -25.88
N ASP B 122 -1.48 19.12 -25.74
CA ASP B 122 -0.49 19.08 -24.65
C ASP B 122 0.50 20.24 -24.71
N THR B 123 0.93 20.65 -25.92
CA THR B 123 1.80 21.82 -26.15
C THR B 123 1.11 23.11 -25.70
N VAL B 124 -0.16 23.34 -26.09
CA VAL B 124 -0.90 24.55 -25.71
C VAL B 124 -1.35 24.53 -24.22
N ASP B 125 -1.71 23.39 -23.68
CA ASP B 125 -2.17 23.30 -22.30
C ASP B 125 -1.05 23.38 -21.27
N ALA B 126 0.09 22.71 -21.56
CA ALA B 126 1.23 22.54 -20.66
C ALA B 126 2.57 23.13 -21.09
N GLY B 127 2.68 23.74 -22.29
CA GLY B 127 3.91 24.37 -22.77
C GLY B 127 5.00 23.37 -23.13
N LYS B 128 4.62 22.12 -23.40
CA LYS B 128 5.51 21.01 -23.76
C LYS B 128 5.91 21.10 -25.23
N LEU B 129 7.14 20.64 -25.59
CA LEU B 129 7.60 20.67 -26.98
C LEU B 129 6.73 19.77 -27.86
N PHE B 130 6.19 20.35 -28.96
CA PHE B 130 5.34 19.67 -29.92
C PHE B 130 6.05 18.51 -30.61
N ALA B 131 7.31 18.71 -31.02
CA ALA B 131 8.11 17.67 -31.67
C ALA B 131 8.29 16.44 -30.77
N VAL B 132 8.46 16.66 -29.44
CA VAL B 132 8.62 15.58 -28.46
C VAL B 132 7.28 14.90 -28.17
N GLY B 133 6.21 15.69 -28.23
CA GLY B 133 4.85 15.16 -28.03
C GLY B 133 4.48 14.15 -29.10
N LYS B 134 4.78 14.50 -30.37
CA LYS B 134 4.51 13.66 -31.54
C LYS B 134 5.42 12.45 -31.59
N ALA B 135 6.74 12.65 -31.37
CA ALA B 135 7.75 11.60 -31.48
C ALA B 135 7.81 10.64 -30.29
N ARG B 136 7.65 11.15 -29.05
CA ARG B 136 7.81 10.36 -27.84
C ARG B 136 6.58 10.28 -26.90
N ASP B 137 6.09 11.42 -26.36
CA ASP B 137 5.01 11.47 -25.37
C ASP B 137 3.69 10.75 -25.73
N ILE B 138 3.02 11.19 -26.80
CA ILE B 138 1.76 10.57 -27.23
C ILE B 138 1.95 9.13 -27.72
N PRO B 139 2.91 8.77 -28.63
CA PRO B 139 3.07 7.34 -29.00
C PRO B 139 3.51 6.47 -27.82
N GLY B 140 4.24 7.05 -26.86
CA GLY B 140 4.66 6.34 -25.65
C GLY B 140 3.46 5.94 -24.80
N ALA B 141 2.39 6.74 -24.83
CA ALA B 141 1.15 6.47 -24.10
C ALA B 141 0.40 5.35 -24.79
N ALA B 142 0.30 5.39 -26.13
CA ALA B 142 -0.37 4.34 -26.90
C ALA B 142 0.35 3.01 -26.67
N HIS B 143 1.72 3.05 -26.66
CA HIS B 143 2.61 1.92 -26.41
C HIS B 143 2.35 1.32 -25.01
N LEU B 144 2.25 2.19 -23.99
CA LEU B 144 1.97 1.72 -22.63
C LEU B 144 0.58 1.03 -22.53
N LEU B 145 -0.44 1.61 -23.21
CA LEU B 145 -1.77 1.02 -23.24
C LEU B 145 -1.74 -0.37 -23.94
N ARG B 146 -0.84 -0.58 -24.93
CA ARG B 146 -0.65 -1.88 -25.61
C ARG B 146 0.00 -2.88 -24.67
N TYR B 147 0.92 -2.39 -23.82
CA TYR B 147 1.56 -3.25 -22.82
C TYR B 147 0.50 -3.87 -21.89
N TYR B 148 -0.44 -3.05 -21.37
CA TYR B 148 -1.51 -3.53 -20.48
C TYR B 148 -2.57 -4.30 -21.18
N ALA B 149 -2.88 -3.94 -22.43
CA ALA B 149 -3.81 -4.71 -23.25
C ALA B 149 -3.27 -6.16 -23.39
N GLY B 150 -1.95 -6.29 -23.60
CA GLY B 150 -1.29 -7.59 -23.74
C GLY B 150 -1.19 -8.36 -22.43
N ALA B 151 -1.32 -7.67 -21.28
CA ALA B 151 -1.25 -8.29 -19.95
C ALA B 151 -2.62 -8.79 -19.49
N ALA B 152 -3.69 -8.20 -20.06
CA ALA B 152 -5.06 -8.43 -19.66
C ALA B 152 -5.53 -9.88 -19.66
N ASP B 153 -5.04 -10.69 -20.60
CA ASP B 153 -5.45 -12.10 -20.71
C ASP B 153 -4.42 -13.10 -20.09
N LYS B 154 -3.46 -12.60 -19.30
CA LYS B 154 -2.32 -13.31 -18.71
C LYS B 154 -2.20 -13.11 -17.20
N VAL B 155 -3.21 -12.50 -16.56
CA VAL B 155 -3.19 -12.21 -15.12
C VAL B 155 -3.24 -13.54 -14.36
N HIS B 156 -2.26 -13.80 -13.47
CA HIS B 156 -2.26 -15.04 -12.69
C HIS B 156 -2.25 -14.85 -11.22
N GLY B 157 -3.01 -15.71 -10.54
CA GLY B 157 -2.98 -15.88 -9.10
C GLY B 157 -2.12 -17.11 -8.86
N ALA B 158 -2.16 -17.64 -7.65
CA ALA B 158 -1.38 -18.83 -7.33
C ALA B 158 -2.23 -20.03 -6.82
N THR B 159 -1.75 -21.25 -7.01
CA THR B 159 -2.27 -22.42 -6.31
C THR B 159 -1.20 -22.63 -5.23
N LEU B 160 -1.64 -22.73 -4.00
CA LEU B 160 -0.77 -22.76 -2.82
C LEU B 160 -0.33 -24.12 -2.37
N LYS B 161 0.60 -24.11 -1.42
CA LYS B 161 1.19 -25.29 -0.82
C LYS B 161 0.82 -25.28 0.64
N MET B 162 -0.34 -25.87 0.94
CA MET B 162 -0.87 -25.91 2.31
C MET B 162 -0.14 -26.87 3.23
N ALA B 163 -0.02 -26.51 4.50
CA ALA B 163 0.64 -27.31 5.54
C ALA B 163 -0.40 -28.13 6.31
N GLN B 164 -1.56 -28.34 5.66
CA GLN B 164 -2.68 -29.19 6.14
C GLN B 164 -3.27 -29.90 4.94
N ARG B 165 -4.20 -30.84 5.16
CA ARG B 165 -4.83 -31.58 4.06
C ARG B 165 -5.91 -30.66 3.47
N MET B 166 -5.46 -29.66 2.74
CA MET B 166 -6.32 -28.62 2.17
C MET B 166 -5.79 -28.16 0.86
N HIS B 167 -6.68 -27.63 0.02
CA HIS B 167 -6.35 -27.04 -1.28
C HIS B 167 -6.59 -25.55 -1.17
N GLY B 168 -5.53 -24.78 -1.34
CA GLY B 168 -5.60 -23.32 -1.28
C GLY B 168 -5.20 -22.68 -2.59
N TYR B 169 -5.83 -21.57 -2.93
CA TYR B 169 -5.45 -20.84 -4.14
C TYR B 169 -5.83 -19.39 -3.98
N THR B 170 -5.20 -18.51 -4.79
CA THR B 170 -5.55 -17.11 -4.78
C THR B 170 -6.18 -16.72 -6.09
N LEU B 171 -7.17 -15.82 -6.03
CA LEU B 171 -7.82 -15.26 -7.21
C LEU B 171 -7.44 -13.79 -7.31
N LYS B 172 -7.13 -13.32 -8.53
CA LYS B 172 -6.83 -11.92 -8.76
C LYS B 172 -8.09 -11.26 -9.33
N GLU B 173 -8.76 -10.45 -8.51
CA GLU B 173 -9.99 -9.79 -8.95
C GLU B 173 -9.90 -8.29 -9.05
N PRO B 174 -10.66 -7.66 -9.98
CA PRO B 174 -10.58 -6.19 -10.09
C PRO B 174 -10.97 -5.51 -8.78
N VAL B 175 -10.22 -4.51 -8.37
CA VAL B 175 -10.49 -3.77 -7.15
C VAL B 175 -11.91 -3.12 -7.15
N GLY B 176 -12.36 -2.63 -8.30
CA GLY B 176 -13.68 -2.03 -8.41
C GLY B 176 -13.65 -0.63 -8.95
N VAL B 177 -14.08 0.35 -8.14
CA VAL B 177 -14.10 1.76 -8.53
C VAL B 177 -12.80 2.40 -8.04
N VAL B 178 -12.04 2.93 -9.00
CA VAL B 178 -10.73 3.55 -8.77
C VAL B 178 -10.78 5.06 -9.10
N GLY B 179 -10.18 5.86 -8.24
CA GLY B 179 -10.12 7.30 -8.41
C GLY B 179 -8.70 7.75 -8.69
N HIS B 180 -8.49 8.45 -9.81
CA HIS B 180 -7.16 8.92 -10.20
C HIS B 180 -7.06 10.42 -10.19
N ILE B 181 -6.11 10.97 -9.44
CA ILE B 181 -5.84 12.42 -9.35
C ILE B 181 -4.47 12.64 -9.98
N VAL B 182 -4.46 13.35 -11.13
CA VAL B 182 -3.27 13.52 -11.98
C VAL B 182 -2.71 14.94 -12.12
N PRO B 183 -1.35 15.12 -12.20
CA PRO B 183 -0.79 16.49 -12.31
C PRO B 183 -0.75 16.98 -13.76
N TRP B 184 -0.19 18.18 -13.97
CA TRP B 184 -0.13 18.86 -15.25
C TRP B 184 1.13 18.67 -16.10
N ASN B 185 2.23 18.16 -15.52
CA ASN B 185 3.50 18.10 -16.23
C ASN B 185 3.59 17.18 -17.46
N TYR B 186 3.01 15.98 -17.38
CA TYR B 186 2.97 15.02 -18.50
C TYR B 186 1.49 14.58 -18.56
N PRO B 187 0.58 15.45 -19.09
CA PRO B 187 -0.86 15.12 -19.00
C PRO B 187 -1.27 13.78 -19.59
N THR B 188 -0.79 13.48 -20.79
CA THR B 188 -1.08 12.23 -21.49
C THR B 188 -0.47 11.03 -20.77
N THR B 189 0.84 11.06 -20.51
CA THR B 189 1.62 10.02 -19.84
C THR B 189 1.01 9.61 -18.48
N MET B 190 0.74 10.60 -17.62
CA MET B 190 0.18 10.39 -16.29
C MET B 190 -1.21 9.76 -16.38
N PHE B 191 -2.05 10.25 -17.31
CA PHE B 191 -3.36 9.72 -17.57
C PHE B 191 -3.28 8.22 -17.85
N PHE B 192 -2.42 7.81 -18.78
CA PHE B 192 -2.29 6.41 -19.13
C PHE B 192 -1.61 5.51 -18.13
N PHE B 193 -0.64 6.05 -17.35
CA PHE B 193 -0.01 5.30 -16.25
C PHE B 193 -1.06 4.75 -15.32
N LYS B 194 -2.15 5.52 -15.15
CA LYS B 194 -3.22 5.20 -14.22
C LYS B 194 -4.32 4.41 -14.88
N VAL B 195 -4.85 4.92 -16.00
CA VAL B 195 -5.98 4.36 -16.75
C VAL B 195 -5.68 3.02 -17.40
N GLY B 196 -4.52 2.88 -18.05
CA GLY B 196 -4.10 1.67 -18.72
C GLY B 196 -4.22 0.43 -17.84
N PRO B 197 -3.46 0.34 -16.73
CA PRO B 197 -3.56 -0.87 -15.88
C PRO B 197 -4.91 -1.06 -15.18
N ALA B 198 -5.55 0.03 -14.71
CA ALA B 198 -6.84 -0.07 -14.03
C ALA B 198 -7.94 -0.63 -14.95
N LEU B 199 -8.02 -0.15 -16.19
CA LEU B 199 -8.98 -0.63 -17.17
C LEU B 199 -8.66 -2.07 -17.61
N ALA B 200 -7.39 -2.42 -17.78
CA ALA B 200 -6.97 -3.79 -18.15
C ALA B 200 -7.39 -4.80 -17.08
N ALA B 201 -7.31 -4.39 -15.79
CA ALA B 201 -7.67 -5.22 -14.64
C ALA B 201 -9.18 -5.46 -14.50
N GLY B 202 -10.01 -4.66 -15.18
CA GLY B 202 -11.46 -4.76 -15.11
C GLY B 202 -12.12 -3.69 -14.24
N CYS B 203 -11.36 -2.68 -13.78
CA CYS B 203 -11.89 -1.61 -12.94
C CYS B 203 -12.64 -0.55 -13.76
N ALA B 204 -13.46 0.26 -13.07
CA ALA B 204 -14.20 1.42 -13.60
C ALA B 204 -13.52 2.61 -12.94
N VAL B 205 -13.22 3.67 -13.71
CA VAL B 205 -12.45 4.79 -13.17
C VAL B 205 -13.10 6.14 -13.25
N VAL B 206 -12.69 7.00 -12.32
CA VAL B 206 -13.04 8.40 -12.25
C VAL B 206 -11.67 9.10 -12.21
N VAL B 207 -11.33 9.82 -13.28
CA VAL B 207 -10.10 10.58 -13.42
C VAL B 207 -10.39 12.07 -13.14
N LYS B 208 -9.55 12.68 -12.31
CA LYS B 208 -9.63 14.11 -12.04
C LYS B 208 -8.33 14.73 -12.55
N PRO B 209 -8.33 15.29 -13.79
CA PRO B 209 -7.11 15.88 -14.33
C PRO B 209 -6.83 17.22 -13.69
N ALA B 210 -5.56 17.69 -13.76
CA ALA B 210 -5.13 18.97 -13.22
C ALA B 210 -5.90 20.10 -13.90
N GLU B 211 -6.27 21.16 -13.15
CA GLU B 211 -6.97 22.33 -13.67
C GLU B 211 -6.17 23.02 -14.80
N GLN B 212 -4.85 22.97 -14.71
CA GLN B 212 -3.94 23.54 -15.72
C GLN B 212 -3.96 22.74 -17.03
N THR B 213 -4.28 21.43 -16.97
CA THR B 213 -4.25 20.55 -18.16
C THR B 213 -5.46 19.61 -18.30
N PRO B 214 -6.68 20.11 -18.49
CA PRO B 214 -7.81 19.18 -18.63
C PRO B 214 -8.09 18.68 -20.06
N LEU B 215 -7.51 19.34 -21.09
CA LEU B 215 -7.78 19.12 -22.51
C LEU B 215 -7.62 17.73 -23.08
N SER B 216 -6.41 17.20 -23.04
CA SER B 216 -6.15 15.88 -23.60
C SER B 216 -6.97 14.76 -22.93
N ALA B 217 -7.19 14.85 -21.59
CA ALA B 217 -7.97 13.87 -20.83
C ALA B 217 -9.41 13.73 -21.36
N LEU B 218 -10.02 14.83 -21.83
CA LEU B 218 -11.36 14.80 -22.38
C LEU B 218 -11.32 14.21 -23.78
N PHE B 219 -10.25 14.49 -24.56
CA PHE B 219 -10.08 13.86 -25.88
C PHE B 219 -9.96 12.31 -25.74
N TYR B 220 -9.23 11.81 -24.68
CA TYR B 220 -9.04 10.38 -24.39
C TYR B 220 -10.33 9.71 -23.99
N ALA B 221 -11.18 10.43 -23.23
CA ALA B 221 -12.50 9.95 -22.85
C ALA B 221 -13.33 9.72 -24.11
N HIS B 222 -13.21 10.62 -25.11
CA HIS B 222 -13.90 10.49 -26.40
C HIS B 222 -13.35 9.27 -27.18
N LEU B 223 -12.02 9.10 -27.22
CA LEU B 223 -11.38 7.98 -27.91
C LEU B 223 -11.68 6.63 -27.28
N ALA B 224 -11.79 6.58 -25.94
CA ALA B 224 -12.13 5.37 -25.20
C ALA B 224 -13.51 4.88 -25.61
N ARG B 225 -14.47 5.83 -25.69
CA ARG B 225 -15.84 5.52 -26.09
C ARG B 225 -15.87 4.95 -27.52
N GLU B 226 -15.10 5.58 -28.44
CA GLU B 226 -14.98 5.16 -29.84
C GLU B 226 -14.40 3.73 -29.91
N ALA B 227 -13.44 3.39 -29.03
CA ALA B 227 -12.77 2.09 -28.97
C ALA B 227 -13.66 0.97 -28.46
N GLY B 228 -14.73 1.33 -27.75
CA GLY B 228 -15.65 0.35 -27.21
C GLY B 228 -15.59 0.23 -25.70
N VAL B 229 -14.93 1.16 -25.02
CA VAL B 229 -14.90 1.20 -23.54
C VAL B 229 -16.36 1.52 -23.10
N PRO B 230 -17.04 0.64 -22.34
CA PRO B 230 -18.46 0.88 -22.01
C PRO B 230 -18.71 2.11 -21.13
N ALA B 231 -19.94 2.65 -21.20
CA ALA B 231 -20.37 3.84 -20.42
C ALA B 231 -20.14 3.64 -18.93
N GLY B 232 -19.53 4.65 -18.28
CA GLY B 232 -19.25 4.62 -16.84
C GLY B 232 -17.94 3.98 -16.45
N VAL B 233 -17.25 3.30 -17.39
CA VAL B 233 -15.95 2.66 -17.17
C VAL B 233 -14.83 3.71 -17.07
N LEU B 234 -14.91 4.75 -17.90
CA LEU B 234 -13.94 5.84 -17.87
C LEU B 234 -14.65 7.17 -17.70
N ASN B 235 -14.56 7.74 -16.51
CA ASN B 235 -15.19 9.03 -16.24
C ASN B 235 -14.09 10.02 -16.00
N VAL B 236 -14.21 11.23 -16.61
CA VAL B 236 -13.23 12.30 -16.50
C VAL B 236 -13.92 13.55 -15.96
N VAL B 237 -13.52 13.98 -14.77
CA VAL B 237 -14.09 15.16 -14.10
C VAL B 237 -13.06 16.29 -13.96
N PRO B 238 -12.84 17.13 -15.01
CA PRO B 238 -11.97 18.29 -14.84
C PRO B 238 -12.53 19.22 -13.73
N GLY B 239 -11.65 19.93 -13.05
CA GLY B 239 -12.03 20.82 -11.96
C GLY B 239 -10.87 21.08 -11.02
N PHE B 240 -11.11 21.87 -9.98
CA PHE B 240 -10.08 22.23 -9.02
C PHE B 240 -9.76 21.12 -8.01
N GLY B 241 -8.59 21.23 -7.38
CA GLY B 241 -8.11 20.24 -6.41
C GLY B 241 -8.88 20.14 -5.12
N PRO B 242 -9.00 21.23 -4.33
CA PRO B 242 -9.71 21.16 -3.04
C PRO B 242 -11.21 20.86 -3.13
N THR B 243 -11.79 20.96 -4.35
CA THR B 243 -13.20 20.72 -4.65
C THR B 243 -13.35 19.32 -5.25
N ALA B 244 -13.12 19.15 -6.57
CA ALA B 244 -13.24 17.87 -7.28
C ALA B 244 -12.22 16.80 -6.83
N GLY B 245 -10.96 17.20 -6.69
CA GLY B 245 -9.89 16.29 -6.30
C GLY B 245 -10.11 15.74 -4.91
N ALA B 246 -10.48 16.61 -3.97
CA ALA B 246 -10.73 16.23 -2.58
C ALA B 246 -11.98 15.33 -2.48
N ALA B 247 -12.96 15.54 -3.38
CA ALA B 247 -14.18 14.75 -3.42
C ALA B 247 -13.92 13.30 -3.83
N VAL B 248 -12.90 13.08 -4.70
CA VAL B 248 -12.51 11.74 -5.14
C VAL B 248 -11.79 11.03 -3.96
N ALA B 249 -10.81 11.71 -3.35
CA ALA B 249 -10.02 11.21 -2.22
C ALA B 249 -10.88 10.82 -1.02
N ALA B 250 -11.91 11.61 -0.70
CA ALA B 250 -12.82 11.39 0.42
C ALA B 250 -14.05 10.53 0.14
N HIS B 251 -14.25 10.08 -1.11
CA HIS B 251 -15.44 9.33 -1.46
C HIS B 251 -15.57 7.96 -0.79
N MET B 252 -16.73 7.72 -0.17
CA MET B 252 -17.12 6.51 0.57
C MET B 252 -17.32 5.31 -0.32
N ASP B 253 -17.49 5.52 -1.64
CA ASP B 253 -17.72 4.44 -2.56
C ASP B 253 -16.61 4.19 -3.62
N VAL B 254 -15.45 4.85 -3.43
CA VAL B 254 -14.24 4.68 -4.24
C VAL B 254 -13.39 3.66 -3.46
N ASP B 255 -12.95 2.57 -4.11
CA ASP B 255 -12.21 1.49 -3.47
C ASP B 255 -10.71 1.73 -3.36
N LYS B 256 -10.15 2.60 -4.22
CA LYS B 256 -8.72 2.87 -4.24
C LYS B 256 -8.52 4.19 -4.92
N VAL B 257 -7.46 4.90 -4.50
CA VAL B 257 -7.05 6.14 -5.11
C VAL B 257 -5.57 6.08 -5.46
N SER B 258 -5.22 6.53 -6.66
CA SER B 258 -3.84 6.67 -7.10
C SER B 258 -3.62 8.15 -7.36
N PHE B 259 -2.63 8.76 -6.71
CA PHE B 259 -2.36 10.19 -6.79
C PHE B 259 -0.88 10.49 -7.15
N THR B 260 -0.69 11.43 -8.11
CA THR B 260 0.61 11.96 -8.52
C THR B 260 0.53 13.48 -8.42
N GLY B 261 1.50 14.07 -7.73
CA GLY B 261 1.55 15.51 -7.51
C GLY B 261 2.49 15.91 -6.38
N SER B 262 2.16 17.02 -5.69
CA SER B 262 2.99 17.58 -4.62
C SER B 262 2.89 16.73 -3.34
N THR B 263 3.97 16.78 -2.54
CA THR B 263 4.11 16.13 -1.24
C THR B 263 2.98 16.57 -0.30
N GLU B 264 2.66 17.89 -0.28
CA GLU B 264 1.63 18.52 0.55
C GLU B 264 0.25 17.91 0.31
N VAL B 265 -0.15 17.82 -0.96
CA VAL B 265 -1.48 17.29 -1.35
C VAL B 265 -1.54 15.77 -1.12
N GLY B 266 -0.41 15.10 -1.31
CA GLY B 266 -0.26 13.68 -1.03
C GLY B 266 -0.66 13.36 0.39
N ARG B 267 -0.32 14.26 1.35
CA ARG B 267 -0.69 14.15 2.77
C ARG B 267 -2.20 14.28 2.94
N LEU B 268 -2.84 15.22 2.21
CA LEU B 268 -4.27 15.42 2.30
C LEU B 268 -5.00 14.22 1.72
N VAL B 269 -4.54 13.69 0.56
CA VAL B 269 -5.13 12.48 -0.07
C VAL B 269 -5.08 11.27 0.87
N MET B 270 -3.90 11.00 1.48
CA MET B 270 -3.72 9.88 2.41
C MET B 270 -4.61 10.05 3.64
N ARG B 271 -4.67 11.27 4.17
CA ARG B 271 -5.53 11.60 5.30
C ARG B 271 -7.01 11.42 4.96
N ALA B 272 -7.42 11.87 3.74
CA ALA B 272 -8.81 11.79 3.28
C ALA B 272 -9.30 10.34 3.18
N ALA B 273 -8.42 9.43 2.76
CA ALA B 273 -8.68 7.99 2.68
C ALA B 273 -8.89 7.42 4.11
N ALA B 274 -8.00 7.80 5.05
CA ALA B 274 -8.06 7.39 6.46
C ALA B 274 -9.37 7.83 7.13
N GLU B 275 -9.85 9.04 6.80
CA GLU B 275 -11.04 9.65 7.41
C GLU B 275 -12.36 9.37 6.65
N SER B 276 -12.29 8.62 5.55
CA SER B 276 -13.47 8.25 4.79
C SER B 276 -13.74 6.76 4.92
N ASN B 277 -13.23 5.94 4.00
CA ASN B 277 -13.51 4.50 4.02
C ASN B 277 -12.28 3.61 4.16
N LEU B 278 -11.11 4.19 4.46
CA LEU B 278 -9.86 3.39 4.59
C LEU B 278 -9.44 2.70 3.27
N LYS B 279 -9.73 3.38 2.16
CA LYS B 279 -9.33 2.93 0.83
C LYS B 279 -7.80 2.96 0.76
N PRO B 280 -7.16 1.95 0.11
CA PRO B 280 -5.72 2.03 -0.08
C PRO B 280 -5.43 3.13 -1.08
N VAL B 281 -4.23 3.65 -0.99
CA VAL B 281 -3.73 4.79 -1.72
C VAL B 281 -2.33 4.46 -2.24
N SER B 282 -1.99 4.95 -3.43
CA SER B 282 -0.65 4.87 -4.02
C SER B 282 -0.30 6.32 -4.38
N LEU B 283 0.92 6.77 -4.02
CA LEU B 283 1.37 8.17 -4.19
C LEU B 283 2.73 8.31 -4.86
N GLU B 284 2.84 9.19 -5.86
CA GLU B 284 4.09 9.56 -6.50
C GLU B 284 4.20 11.04 -6.20
N LEU B 285 5.13 11.39 -5.30
CA LEU B 285 5.22 12.76 -4.79
C LEU B 285 6.42 13.64 -5.20
N GLY B 286 7.06 13.32 -6.29
CA GLY B 286 8.17 14.17 -6.70
C GLY B 286 9.49 13.85 -5.99
N GLY B 287 10.55 14.49 -6.43
CA GLY B 287 11.84 14.20 -5.83
C GLY B 287 12.86 15.27 -5.97
N LYS B 288 14.09 14.91 -5.62
CA LYS B 288 15.24 15.82 -5.74
C LYS B 288 16.34 14.90 -6.23
N SER B 289 16.17 14.46 -7.48
CA SER B 289 17.04 13.46 -8.09
C SER B 289 18.48 13.85 -8.28
N PRO B 290 19.40 13.08 -7.67
CA PRO B 290 20.84 13.35 -7.90
C PRO B 290 21.37 12.62 -9.18
N VAL B 291 22.38 13.20 -9.82
CA VAL B 291 23.08 12.56 -10.95
C VAL B 291 24.53 12.55 -10.52
N ILE B 292 25.14 11.36 -10.47
CA ILE B 292 26.52 11.26 -10.03
C ILE B 292 27.43 10.95 -11.19
N VAL B 293 28.40 11.83 -11.46
CA VAL B 293 29.38 11.67 -12.54
C VAL B 293 30.76 11.35 -11.98
N PHE B 294 31.26 10.13 -12.25
CA PHE B 294 32.59 9.72 -11.79
C PHE B 294 33.72 10.13 -12.76
N ASP B 295 34.97 10.13 -12.26
CA ASP B 295 36.23 10.51 -12.95
C ASP B 295 36.42 9.79 -14.29
N ASP B 296 35.88 8.55 -14.43
CA ASP B 296 36.06 7.77 -15.66
C ASP B 296 35.05 8.07 -16.76
N ALA B 297 34.09 8.97 -16.52
CA ALA B 297 33.07 9.28 -17.51
C ALA B 297 33.62 9.99 -18.72
N ASP B 298 32.99 9.76 -19.90
CA ASP B 298 33.28 10.53 -21.12
C ASP B 298 32.63 11.89 -20.84
N LEU B 299 33.43 12.95 -20.82
CA LEU B 299 33.00 14.31 -20.45
C LEU B 299 31.85 14.87 -21.28
N ASP B 300 31.91 14.78 -22.61
CA ASP B 300 30.85 15.23 -23.52
C ASP B 300 29.58 14.44 -23.33
N MET B 301 29.69 13.12 -23.19
CA MET B 301 28.51 12.25 -22.99
C MET B 301 27.80 12.66 -21.67
N ALA B 302 28.56 12.75 -20.56
CA ALA B 302 28.08 13.08 -19.22
C ALA B 302 27.50 14.51 -19.17
N VAL B 303 28.13 15.46 -19.87
CA VAL B 303 27.60 16.83 -19.92
C VAL B 303 26.29 16.83 -20.66
N ASN B 304 26.25 16.16 -21.82
CA ASN B 304 25.04 16.04 -22.63
C ASN B 304 23.93 15.29 -21.90
N LEU B 305 24.31 14.30 -21.08
CA LEU B 305 23.33 13.53 -20.33
C LEU B 305 22.72 14.38 -19.19
N VAL B 306 23.57 15.11 -18.46
CA VAL B 306 23.14 15.97 -17.34
C VAL B 306 22.28 17.11 -17.86
N ASN B 307 22.64 17.70 -19.00
CA ASN B 307 21.88 18.77 -19.65
C ASN B 307 20.46 18.28 -19.97
N PHE B 308 20.37 17.05 -20.47
CA PHE B 308 19.11 16.35 -20.79
C PHE B 308 18.30 16.08 -19.53
N ALA B 309 18.96 15.59 -18.47
CA ALA B 309 18.34 15.25 -17.19
C ALA B 309 17.75 16.47 -16.48
N THR B 310 18.41 17.62 -16.58
CA THR B 310 18.02 18.83 -15.86
C THR B 310 16.99 19.69 -16.56
N TYR B 311 17.13 19.83 -17.88
CA TYR B 311 16.34 20.77 -18.65
C TYR B 311 15.19 20.24 -19.47
N THR B 312 15.04 18.93 -19.57
CA THR B 312 13.94 18.32 -20.30
C THR B 312 12.65 18.80 -19.64
N ASN B 313 11.69 19.23 -20.48
CA ASN B 313 10.37 19.72 -20.10
C ASN B 313 10.49 20.90 -19.12
N LYS B 314 11.45 21.81 -19.38
CA LYS B 314 11.78 22.98 -18.57
C LYS B 314 11.93 22.65 -17.08
N GLY B 315 12.50 21.46 -16.78
CA GLY B 315 12.71 20.99 -15.42
C GLY B 315 11.46 20.55 -14.70
N GLU B 316 10.29 20.58 -15.38
CA GLU B 316 8.99 20.20 -14.80
C GLU B 316 8.76 18.68 -14.90
N ILE B 317 9.55 17.92 -14.13
CA ILE B 317 9.49 16.44 -14.04
C ILE B 317 9.88 16.06 -12.64
N CYS B 318 9.16 15.10 -12.09
CA CYS B 318 9.35 14.51 -10.77
C CYS B 318 10.77 13.88 -10.63
N VAL B 319 11.36 13.41 -11.76
CA VAL B 319 12.67 12.76 -11.84
C VAL B 319 13.81 13.64 -12.43
N ALA B 320 13.56 14.93 -12.68
CA ALA B 320 14.59 15.85 -13.24
C ALA B 320 15.92 15.74 -12.46
N GLY B 321 17.04 15.79 -13.17
CA GLY B 321 18.35 15.83 -12.54
C GLY B 321 18.43 17.20 -11.88
N THR B 322 18.56 17.24 -10.56
CA THR B 322 18.53 18.52 -9.84
C THR B 322 19.81 18.77 -9.07
N ARG B 323 20.38 17.70 -8.48
CA ARG B 323 21.63 17.77 -7.73
C ARG B 323 22.65 16.98 -8.54
N ILE B 324 23.59 17.68 -9.14
CA ILE B 324 24.63 17.08 -9.97
C ILE B 324 25.91 16.99 -9.18
N TYR B 325 26.41 15.77 -8.95
CA TYR B 325 27.65 15.53 -8.21
C TYR B 325 28.73 15.07 -9.16
N VAL B 326 29.76 15.89 -9.32
CA VAL B 326 30.84 15.57 -10.25
C VAL B 326 32.15 15.36 -9.49
N GLN B 327 32.82 14.23 -9.75
CA GLN B 327 34.06 13.87 -9.06
C GLN B 327 35.13 14.91 -9.36
N GLU B 328 35.95 15.22 -8.35
CA GLU B 328 36.96 16.27 -8.38
C GLU B 328 37.93 16.31 -9.54
N GLY B 329 38.29 15.15 -10.09
CA GLY B 329 39.20 15.04 -11.22
C GLY B 329 38.68 15.65 -12.52
N ILE B 330 37.34 15.71 -12.68
CA ILE B 330 36.76 16.25 -13.90
C ILE B 330 35.84 17.43 -13.63
N TYR B 331 35.66 17.78 -12.35
CA TYR B 331 34.75 18.84 -11.93
C TYR B 331 34.83 20.14 -12.73
N ASP B 332 36.03 20.72 -12.79
CA ASP B 332 36.30 22.01 -13.44
C ASP B 332 35.95 22.03 -14.93
N GLU B 333 36.37 21.00 -15.69
CA GLU B 333 36.02 20.88 -17.10
C GLU B 333 34.52 20.65 -17.28
N PHE B 334 33.86 19.90 -16.34
CA PHE B 334 32.42 19.66 -16.41
C PHE B 334 31.63 20.99 -16.31
N VAL B 335 31.91 21.81 -15.27
CA VAL B 335 31.26 23.11 -15.05
C VAL B 335 31.27 23.97 -16.33
N LYS B 336 32.48 24.15 -16.92
CA LYS B 336 32.69 24.95 -18.15
C LYS B 336 31.86 24.45 -19.31
N LYS B 337 31.86 23.14 -19.54
CA LYS B 337 31.10 22.50 -20.63
C LYS B 337 29.59 22.58 -20.39
N ALA B 338 29.15 22.38 -19.12
CA ALA B 338 27.72 22.43 -18.74
C ALA B 338 27.17 23.85 -18.98
N ALA B 339 27.98 24.88 -18.61
CA ALA B 339 27.65 26.30 -18.81
C ALA B 339 27.54 26.66 -20.29
N GLU B 340 28.48 26.20 -21.15
CA GLU B 340 28.48 26.45 -22.59
C GLU B 340 27.19 25.88 -23.22
N LEU B 341 26.92 24.60 -22.94
CA LEU B 341 25.76 23.89 -23.42
C LEU B 341 24.44 24.51 -22.97
N ALA B 342 24.28 24.85 -21.66
CA ALA B 342 23.03 25.48 -21.15
C ALA B 342 22.76 26.82 -21.83
N SER B 343 23.80 27.66 -21.99
CA SER B 343 23.69 28.98 -22.61
C SER B 343 23.39 28.91 -24.15
N LYS B 344 23.61 27.73 -24.77
CA LYS B 344 23.33 27.48 -26.20
C LYS B 344 21.87 27.08 -26.45
N SER B 345 21.19 26.62 -25.39
CA SER B 345 19.82 26.15 -25.40
C SER B 345 18.86 27.19 -25.99
N VAL B 346 18.04 26.79 -26.98
CA VAL B 346 17.07 27.67 -27.62
C VAL B 346 15.77 27.65 -26.81
N VAL B 347 15.46 28.78 -26.15
CA VAL B 347 14.26 28.95 -25.31
C VAL B 347 13.24 29.70 -26.17
N GLY B 348 12.01 29.18 -26.24
CA GLY B 348 11.01 29.84 -27.07
C GLY B 348 9.77 29.02 -27.31
N ASP B 349 9.01 29.41 -28.36
CA ASP B 349 7.75 28.77 -28.77
C ASP B 349 7.88 27.25 -28.88
N PRO B 350 7.17 26.48 -28.04
CA PRO B 350 7.28 24.99 -28.10
C PRO B 350 6.80 24.32 -29.41
N PHE B 351 6.10 25.09 -30.25
CA PHE B 351 5.62 24.64 -31.57
C PHE B 351 6.73 24.72 -32.61
N ASN B 352 7.76 25.56 -32.36
CA ASN B 352 8.89 25.75 -33.26
C ASN B 352 9.86 24.58 -33.11
N PRO B 353 10.18 23.84 -34.20
CA PRO B 353 11.09 22.67 -34.07
C PRO B 353 12.53 22.97 -33.70
N SER B 354 12.98 24.23 -33.81
CA SER B 354 14.34 24.64 -33.45
C SER B 354 14.46 24.91 -31.93
N VAL B 355 13.31 25.01 -31.23
CA VAL B 355 13.22 25.27 -29.79
C VAL B 355 13.49 24.01 -28.98
N SER B 356 14.33 24.16 -27.96
CA SER B 356 14.75 23.12 -27.03
C SER B 356 14.04 23.22 -25.66
N GLN B 357 13.52 24.41 -25.30
CA GLN B 357 12.86 24.65 -24.01
C GLN B 357 11.67 25.61 -24.13
N GLY B 358 10.49 25.14 -23.73
CA GLY B 358 9.26 25.91 -23.74
C GLY B 358 9.03 26.71 -22.47
N PRO B 359 7.84 27.36 -22.29
CA PRO B 359 7.60 28.14 -21.07
C PRO B 359 7.19 27.26 -19.91
N GLN B 360 7.21 27.80 -18.67
CA GLN B 360 6.73 27.06 -17.49
C GLN B 360 5.22 26.92 -17.63
N VAL B 361 4.57 25.94 -16.96
CA VAL B 361 3.13 25.68 -17.11
C VAL B 361 2.20 26.91 -17.03
N ASP B 362 2.40 27.76 -16.00
CA ASP B 362 1.59 28.94 -15.71
C ASP B 362 2.35 29.96 -14.87
N LYS B 363 1.68 31.06 -14.48
CA LYS B 363 2.22 32.16 -13.69
C LYS B 363 2.75 31.72 -12.31
N ASP B 364 1.99 30.89 -11.56
CA ASP B 364 2.40 30.43 -10.23
C ASP B 364 3.72 29.68 -10.24
N GLN B 365 3.88 28.74 -11.20
CA GLN B 365 5.07 27.91 -11.40
C GLN B 365 6.27 28.76 -11.77
N TYR B 366 6.06 29.67 -12.72
CA TYR B 366 7.05 30.62 -13.21
C TYR B 366 7.60 31.45 -12.04
N GLU B 367 6.69 32.04 -11.25
CA GLU B 367 7.02 32.88 -10.09
C GLU B 367 7.72 32.08 -8.99
N LYS B 368 7.28 30.81 -8.78
CA LYS B 368 7.87 29.90 -7.79
C LYS B 368 9.34 29.60 -8.15
N VAL B 369 9.62 29.30 -9.45
CA VAL B 369 10.97 29.03 -9.96
C VAL B 369 11.85 30.28 -9.75
N LEU B 370 11.29 31.47 -10.05
CA LEU B 370 12.00 32.74 -9.82
C LEU B 370 12.32 32.97 -8.33
N ARG B 371 11.41 32.57 -7.41
CA ARG B 371 11.67 32.72 -5.98
C ARG B 371 12.80 31.80 -5.51
N TYR B 372 12.83 30.57 -6.03
CA TYR B 372 13.85 29.59 -5.74
C TYR B 372 15.21 30.04 -6.27
N ILE B 373 15.23 30.69 -7.47
CA ILE B 373 16.46 31.25 -8.08
C ILE B 373 16.98 32.36 -7.16
N ASP B 374 16.09 33.25 -6.68
CA ASP B 374 16.44 34.28 -5.71
C ASP B 374 16.96 33.67 -4.40
N ILE B 375 16.36 32.57 -3.94
CA ILE B 375 16.79 31.86 -2.73
C ILE B 375 18.21 31.37 -2.83
N GLY B 376 18.54 30.76 -3.97
CA GLY B 376 19.88 30.27 -4.28
C GLY B 376 20.90 31.37 -4.17
N LYS B 377 20.60 32.54 -4.76
CA LYS B 377 21.51 33.70 -4.67
C LYS B 377 21.65 34.19 -3.21
N ARG B 378 20.52 34.27 -2.49
CA ARG B 378 20.39 34.77 -1.09
C ARG B 378 21.19 33.93 -0.09
N GLU B 379 21.20 32.59 -0.30
CA GLU B 379 21.90 31.67 0.59
C GLU B 379 23.37 31.44 0.28
N GLY B 380 23.89 32.17 -0.71
CA GLY B 380 25.33 32.13 -1.04
C GLY B 380 25.80 31.22 -2.17
N ALA B 381 24.90 30.65 -2.98
CA ALA B 381 25.32 29.82 -4.11
C ALA B 381 25.81 30.71 -5.26
N THR B 382 26.66 30.20 -6.15
CA THR B 382 27.22 30.99 -7.25
C THR B 382 26.41 30.78 -8.50
N LEU B 383 25.86 31.85 -9.04
CA LEU B 383 25.12 31.81 -10.30
C LEU B 383 26.11 31.76 -11.47
N VAL B 384 26.15 30.61 -12.19
CA VAL B 384 27.06 30.40 -13.33
C VAL B 384 26.43 30.85 -14.66
N THR B 385 25.15 30.51 -14.91
CA THR B 385 24.40 30.89 -16.12
C THR B 385 22.91 30.98 -15.80
N GLY B 386 22.20 31.77 -16.61
CA GLY B 386 20.75 31.97 -16.53
C GLY B 386 20.36 32.73 -15.30
N GLY B 387 19.40 32.16 -14.55
CA GLY B 387 18.90 32.75 -13.31
C GLY B 387 18.05 33.99 -13.50
N LYS B 388 17.40 34.10 -14.67
CA LYS B 388 16.54 35.25 -15.01
C LYS B 388 15.50 34.91 -16.09
N PRO B 389 14.33 35.61 -16.11
CA PRO B 389 13.36 35.32 -17.17
C PRO B 389 13.83 35.86 -18.51
N CYS B 390 13.27 35.33 -19.61
CA CYS B 390 13.64 35.81 -20.95
C CYS B 390 12.41 35.97 -21.86
N GLY B 391 12.59 36.69 -22.97
CA GLY B 391 11.54 36.90 -23.95
C GLY B 391 10.59 38.05 -23.64
N ASP B 392 9.75 38.40 -24.62
CA ASP B 392 8.78 39.48 -24.51
C ASP B 392 7.58 39.07 -23.64
N LYS B 393 6.92 37.96 -24.02
CA LYS B 393 5.75 37.39 -23.34
C LYS B 393 5.93 35.90 -23.14
N GLY B 394 5.12 35.33 -22.25
CA GLY B 394 5.20 33.92 -21.89
C GLY B 394 5.99 33.69 -20.63
N TYR B 395 5.87 32.49 -20.07
CA TYR B 395 6.54 32.14 -18.81
C TYR B 395 7.87 31.43 -19.02
N TYR B 396 8.78 32.12 -19.73
CA TYR B 396 10.10 31.61 -20.08
C TYR B 396 11.18 32.00 -19.07
N ILE B 397 11.94 30.98 -18.59
CA ILE B 397 13.04 31.13 -17.65
C ILE B 397 14.29 30.50 -18.30
N GLU B 398 15.43 31.22 -18.22
CA GLU B 398 16.70 30.76 -18.75
C GLU B 398 17.22 29.55 -18.02
N PRO B 399 17.77 28.54 -18.73
CA PRO B 399 18.35 27.38 -18.04
C PRO B 399 19.40 27.89 -17.04
N THR B 400 19.29 27.46 -15.78
CA THR B 400 20.10 27.99 -14.67
C THR B 400 21.05 26.99 -14.04
N ILE B 401 22.30 27.45 -13.80
CA ILE B 401 23.29 26.63 -13.11
C ILE B 401 23.76 27.33 -11.84
N PHE B 402 23.67 26.64 -10.69
CA PHE B 402 24.25 27.14 -9.46
C PHE B 402 25.41 26.21 -9.05
N THR B 403 26.57 26.81 -8.73
CA THR B 403 27.71 26.07 -8.16
C THR B 403 27.88 26.55 -6.71
N ASP B 404 28.82 25.93 -5.95
CA ASP B 404 29.11 26.22 -4.54
C ASP B 404 27.86 26.04 -3.72
N VAL B 405 27.13 24.94 -4.05
CA VAL B 405 25.90 24.55 -3.41
C VAL B 405 26.29 23.62 -2.28
N LYS B 406 25.83 23.94 -1.07
CA LYS B 406 26.07 23.15 0.13
C LYS B 406 24.83 22.26 0.30
N ASP B 407 25.02 21.06 0.87
CA ASP B 407 23.96 20.04 1.01
C ASP B 407 22.72 20.42 1.80
N ASP B 408 22.86 21.32 2.79
CA ASP B 408 21.69 21.68 3.57
C ASP B 408 20.97 22.92 3.04
N MET B 409 21.51 23.60 1.99
CA MET B 409 20.89 24.77 1.34
C MET B 409 19.49 24.40 0.82
N THR B 410 18.56 25.38 0.80
CA THR B 410 17.18 25.22 0.30
C THR B 410 17.14 24.67 -1.16
N ILE B 411 18.02 25.19 -2.06
CA ILE B 411 18.07 24.75 -3.46
C ILE B 411 18.64 23.35 -3.63
N ALA B 412 19.28 22.84 -2.59
CA ALA B 412 19.83 21.48 -2.59
C ALA B 412 18.82 20.50 -1.94
N GLN B 413 17.81 21.01 -1.23
CA GLN B 413 16.84 20.20 -0.49
C GLN B 413 15.42 20.24 -1.02
N ASP B 414 15.01 21.35 -1.66
CA ASP B 414 13.63 21.49 -2.15
C ASP B 414 13.48 21.32 -3.62
N GLU B 415 12.39 20.64 -4.01
CA GLU B 415 12.04 20.43 -5.39
C GLU B 415 11.62 21.79 -6.02
N ILE B 416 12.41 22.27 -6.97
CA ILE B 416 12.17 23.56 -7.62
C ILE B 416 11.14 23.45 -8.76
N PHE B 417 11.18 22.31 -9.49
CA PHE B 417 10.35 21.98 -10.65
C PHE B 417 10.54 23.03 -11.78
N GLY B 418 11.80 23.37 -12.01
CA GLY B 418 12.19 24.37 -12.99
C GLY B 418 13.57 24.12 -13.56
N PRO B 419 13.96 24.92 -14.61
CA PRO B 419 15.26 24.67 -15.28
C PRO B 419 16.45 25.16 -14.45
N VAL B 420 16.66 24.52 -13.29
CA VAL B 420 17.67 24.93 -12.31
C VAL B 420 18.50 23.72 -11.87
N MET B 421 19.82 23.82 -12.08
CA MET B 421 20.78 22.78 -11.71
C MET B 421 21.58 23.22 -10.48
N ALA B 422 21.83 22.30 -9.53
CA ALA B 422 22.70 22.50 -8.36
C ALA B 422 23.90 21.60 -8.63
N LEU B 423 25.02 22.22 -9.06
CA LEU B 423 26.24 21.55 -9.48
C LEU B 423 27.28 21.48 -8.36
N MET B 424 27.66 20.25 -7.98
CA MET B 424 28.51 20.04 -6.81
C MET B 424 29.66 19.09 -7.07
N LYS B 425 30.65 19.13 -6.17
CA LYS B 425 31.87 18.33 -6.27
C LYS B 425 31.93 17.29 -5.14
N PHE B 426 32.60 16.16 -5.40
CA PHE B 426 32.84 15.11 -4.41
C PHE B 426 34.19 14.45 -4.66
N LYS B 427 34.74 13.82 -3.64
CA LYS B 427 36.00 13.11 -3.75
C LYS B 427 35.78 11.58 -3.82
N THR B 428 35.11 11.01 -2.80
CA THR B 428 34.94 9.56 -2.70
C THR B 428 33.56 9.03 -2.96
N VAL B 429 33.49 7.72 -3.29
CA VAL B 429 32.27 6.95 -3.48
C VAL B 429 31.40 7.00 -2.20
N GLU B 430 32.00 6.73 -1.02
CA GLU B 430 31.34 6.71 0.29
C GLU B 430 30.70 8.06 0.60
N GLU B 431 31.42 9.14 0.30
CA GLU B 431 30.98 10.50 0.50
C GLU B 431 29.78 10.80 -0.39
N VAL B 432 29.83 10.42 -1.69
CA VAL B 432 28.75 10.70 -2.65
C VAL B 432 27.48 9.91 -2.41
N ILE B 433 27.62 8.72 -1.82
CA ILE B 433 26.47 7.88 -1.47
C ILE B 433 25.68 8.64 -0.39
N GLN B 434 26.39 9.18 0.61
CA GLN B 434 25.79 9.95 1.72
C GLN B 434 25.11 11.21 1.16
N LYS B 435 25.78 11.92 0.26
CA LYS B 435 25.23 13.11 -0.37
C LYS B 435 23.97 12.80 -1.20
N ALA B 436 24.00 11.73 -2.01
CA ALA B 436 22.88 11.30 -2.84
C ALA B 436 21.65 10.99 -1.97
N ASN B 437 21.86 10.40 -0.79
CA ASN B 437 20.80 10.02 0.14
C ASN B 437 20.45 11.12 1.14
N ASN B 438 21.18 12.28 1.11
CA ASN B 438 20.89 13.39 2.03
C ASN B 438 19.71 14.22 1.44
N THR B 439 18.52 13.63 1.46
CA THR B 439 17.29 14.23 0.94
C THR B 439 16.10 13.54 1.62
N ARG B 440 14.90 14.15 1.62
CA ARG B 440 13.75 13.44 2.19
C ARG B 440 13.05 12.60 1.10
N TYR B 441 13.49 12.76 -0.17
CA TYR B 441 12.95 12.09 -1.35
C TYR B 441 13.74 10.86 -1.77
N GLY B 442 13.21 10.11 -2.72
CA GLY B 442 13.90 8.92 -3.19
C GLY B 442 13.22 8.34 -4.39
N LEU B 443 13.07 9.15 -5.43
CA LEU B 443 12.37 8.73 -6.63
C LEU B 443 13.29 8.08 -7.65
N ALA B 444 14.32 8.83 -8.11
CA ALA B 444 15.26 8.34 -9.11
C ALA B 444 16.63 8.95 -8.90
N ALA B 445 17.66 8.34 -9.52
CA ALA B 445 19.05 8.80 -9.50
C ALA B 445 19.73 8.33 -10.75
N GLY B 446 20.71 9.12 -11.19
CA GLY B 446 21.53 8.81 -12.34
C GLY B 446 22.96 8.59 -11.90
N ILE B 447 23.65 7.62 -12.53
CA ILE B 447 25.05 7.31 -12.26
C ILE B 447 25.76 7.28 -13.61
N VAL B 448 26.90 7.98 -13.70
CA VAL B 448 27.69 8.00 -14.92
C VAL B 448 29.08 7.48 -14.56
N THR B 449 29.38 6.23 -14.96
CA THR B 449 30.66 5.55 -14.77
C THR B 449 30.79 4.39 -15.78
N LYS B 450 32.01 3.98 -16.05
CA LYS B 450 32.27 2.84 -16.93
C LYS B 450 32.59 1.61 -16.10
N ASN B 451 32.99 1.80 -14.82
CA ASN B 451 33.39 0.72 -13.95
C ASN B 451 32.20 -0.08 -13.38
N ILE B 452 32.17 -1.39 -13.65
CA ILE B 452 31.13 -2.33 -13.18
C ILE B 452 30.90 -2.32 -11.65
N ASP B 453 31.98 -2.31 -10.87
CA ASP B 453 31.97 -2.34 -9.40
C ASP B 453 31.42 -1.06 -8.77
N VAL B 454 31.89 0.10 -9.25
CA VAL B 454 31.36 1.39 -8.78
C VAL B 454 29.85 1.44 -9.08
N ALA B 455 29.46 1.07 -10.31
CA ALA B 455 28.04 1.08 -10.73
C ALA B 455 27.19 0.20 -9.81
N ASN B 456 27.66 -1.04 -9.53
CA ASN B 456 26.93 -1.95 -8.62
C ASN B 456 26.86 -1.46 -7.18
N THR B 457 27.98 -0.97 -6.63
CA THR B 457 28.02 -0.46 -5.24
C THR B 457 27.09 0.76 -5.08
N VAL B 458 27.22 1.74 -5.98
CA VAL B 458 26.44 2.98 -5.95
C VAL B 458 24.95 2.74 -6.17
N SER B 459 24.56 1.93 -7.18
CA SER B 459 23.14 1.62 -7.48
C SER B 459 22.42 0.93 -6.31
N ARG B 460 23.11 0.02 -5.63
CA ARG B 460 22.52 -0.69 -4.51
C ARG B 460 22.42 0.18 -3.24
N SER B 461 23.24 1.22 -3.15
CA SER B 461 23.36 2.10 -1.98
C SER B 461 22.49 3.36 -2.02
N ILE B 462 22.02 3.78 -3.22
CA ILE B 462 21.17 4.96 -3.30
C ILE B 462 19.76 4.51 -3.01
N ARG B 463 19.10 5.18 -2.05
CA ARG B 463 17.74 4.91 -1.67
C ARG B 463 16.75 5.64 -2.59
N ALA B 464 16.62 5.14 -3.83
CA ALA B 464 15.72 5.70 -4.84
C ALA B 464 15.11 4.55 -5.62
N GLY B 465 13.87 4.72 -6.04
CA GLY B 465 13.14 3.68 -6.75
C GLY B 465 13.65 3.33 -8.13
N ALA B 466 14.35 4.26 -8.79
CA ALA B 466 14.86 4.02 -10.16
C ALA B 466 16.28 4.51 -10.28
N ILE B 467 17.20 3.63 -10.73
CA ILE B 467 18.60 3.95 -10.93
C ILE B 467 18.94 3.87 -12.39
N TRP B 468 19.39 4.99 -12.98
CA TRP B 468 19.71 5.05 -14.41
C TRP B 468 21.20 5.17 -14.58
N ILE B 469 21.82 4.09 -15.10
CA ILE B 469 23.26 4.02 -15.28
C ILE B 469 23.62 4.34 -16.70
N ASN B 470 24.35 5.46 -16.93
CA ASN B 470 24.81 5.90 -18.26
C ASN B 470 23.67 6.18 -19.25
N CYS B 471 22.51 6.53 -18.70
CA CYS B 471 21.29 6.89 -19.42
C CYS B 471 20.46 7.71 -18.45
N TYR B 472 19.34 8.26 -18.91
CA TYR B 472 18.44 9.01 -18.06
C TYR B 472 17.03 8.91 -18.58
N PHE B 473 16.01 9.03 -17.69
CA PHE B 473 14.59 8.90 -18.04
C PHE B 473 14.37 7.59 -18.80
N ALA B 474 15.02 6.50 -18.33
CA ALA B 474 14.91 5.19 -18.97
C ALA B 474 13.63 4.48 -18.55
N PHE B 475 12.49 5.16 -18.72
CA PHE B 475 11.18 4.60 -18.39
C PHE B 475 10.87 3.57 -19.45
N ASP B 476 10.10 2.56 -19.10
CA ASP B 476 9.72 1.51 -20.02
C ASP B 476 8.43 0.89 -19.51
N PRO B 477 7.46 0.59 -20.40
CA PRO B 477 6.24 -0.07 -19.94
C PRO B 477 6.47 -1.28 -19.03
N ASP B 478 7.55 -2.04 -19.24
CA ASP B 478 7.87 -3.25 -18.45
C ASP B 478 8.60 -2.99 -17.13
N ALA B 479 9.07 -1.77 -16.93
CA ALA B 479 9.82 -1.37 -15.74
C ALA B 479 8.99 -0.63 -14.69
N PRO B 480 8.83 -1.20 -13.47
CA PRO B 480 8.05 -0.49 -12.43
C PRO B 480 8.74 0.80 -12.01
N PHE B 481 7.94 1.84 -11.72
CA PHE B 481 8.42 3.15 -11.34
C PHE B 481 7.68 3.65 -10.11
N GLY B 482 8.43 4.00 -9.09
CA GLY B 482 7.87 4.47 -7.83
C GLY B 482 8.96 4.85 -6.86
N GLY B 483 8.62 5.72 -5.92
CA GLY B 483 9.59 6.25 -4.98
C GLY B 483 9.78 5.52 -3.67
N TYR B 484 10.82 5.95 -2.98
CA TYR B 484 11.20 5.55 -1.62
C TYR B 484 10.95 6.84 -0.81
N LYS B 485 10.97 6.72 0.53
CA LYS B 485 10.93 7.87 1.43
C LYS B 485 9.80 8.82 1.14
N MET B 486 10.03 10.15 1.11
CA MET B 486 8.94 11.09 0.84
C MET B 486 8.52 11.23 -0.65
N SER B 487 9.09 10.39 -1.53
CA SER B 487 8.64 10.36 -2.92
C SER B 487 7.35 9.55 -3.08
N GLY B 488 6.94 8.89 -2.00
CA GLY B 488 5.70 8.14 -1.94
C GLY B 488 5.92 6.65 -1.98
N PHE B 489 4.88 5.92 -2.40
CA PHE B 489 4.88 4.46 -2.45
C PHE B 489 3.88 3.95 -3.49
N GLY B 490 4.10 2.73 -3.95
CA GLY B 490 3.31 2.10 -5.00
C GLY B 490 4.01 2.32 -6.32
N LYS B 491 3.73 1.47 -7.31
CA LYS B 491 4.37 1.58 -8.62
C LYS B 491 3.42 1.93 -9.77
N ASP B 492 3.94 2.70 -10.71
CA ASP B 492 3.32 2.99 -12.00
C ASP B 492 4.24 2.29 -12.99
N MET B 493 3.69 1.79 -14.10
CA MET B 493 4.45 1.01 -15.11
C MET B 493 4.83 -0.38 -14.60
N GLY B 494 5.14 -1.27 -15.55
CA GLY B 494 5.47 -2.66 -15.23
C GLY B 494 4.23 -3.45 -14.87
N MET B 495 4.41 -4.74 -14.58
CA MET B 495 3.33 -5.61 -14.15
C MET B 495 2.86 -5.18 -12.75
N ASP B 496 3.74 -4.50 -11.98
CA ASP B 496 3.45 -4.01 -10.61
C ASP B 496 2.26 -3.07 -10.59
N ALA B 497 2.13 -2.21 -11.62
CA ALA B 497 1.02 -1.24 -11.73
C ALA B 497 -0.29 -1.99 -11.90
N LEU B 498 -0.28 -3.04 -12.73
CA LEU B 498 -1.46 -3.89 -12.93
C LEU B 498 -1.87 -4.53 -11.60
N ASP B 499 -0.89 -5.06 -10.83
CA ASP B 499 -1.15 -5.66 -9.53
C ASP B 499 -1.81 -4.73 -8.51
N LYS B 500 -1.62 -3.42 -8.61
CA LYS B 500 -2.29 -2.56 -7.62
C LYS B 500 -3.79 -2.37 -7.87
N TYR B 501 -4.29 -2.74 -9.06
CA TYR B 501 -5.73 -2.62 -9.36
C TYR B 501 -6.41 -4.00 -9.28
N LEU B 502 -5.72 -4.96 -8.67
CA LEU B 502 -6.21 -6.29 -8.46
C LEU B 502 -6.12 -6.64 -6.98
N GLN B 503 -7.18 -7.22 -6.46
CA GLN B 503 -7.20 -7.72 -5.12
C GLN B 503 -6.84 -9.19 -5.17
N THR B 504 -6.19 -9.68 -4.12
CA THR B 504 -5.85 -11.10 -3.97
C THR B 504 -6.89 -11.68 -3.02
N LYS B 505 -7.60 -12.70 -3.46
CA LYS B 505 -8.60 -13.41 -2.65
C LYS B 505 -8.08 -14.81 -2.42
N THR B 506 -7.93 -15.21 -1.15
CA THR B 506 -7.48 -16.55 -0.81
C THR B 506 -8.72 -17.45 -0.64
N VAL B 507 -8.77 -18.57 -1.35
CA VAL B 507 -9.89 -19.52 -1.26
C VAL B 507 -9.30 -20.88 -0.79
N VAL B 508 -9.88 -21.51 0.26
CA VAL B 508 -9.38 -22.76 0.85
C VAL B 508 -10.50 -23.75 1.09
N THR B 509 -10.25 -25.02 0.78
CA THR B 509 -11.20 -26.12 0.96
C THR B 509 -10.43 -27.35 1.45
N PRO B 510 -11.00 -28.22 2.30
CA PRO B 510 -10.23 -29.40 2.70
C PRO B 510 -10.10 -30.38 1.54
N LEU B 511 -9.13 -31.31 1.63
CA LEU B 511 -8.95 -32.41 0.65
C LEU B 511 -9.19 -33.77 1.31
N TYR B 512 -9.71 -34.72 0.55
CA TYR B 512 -10.00 -36.07 1.00
C TYR B 512 -9.32 -37.07 0.08
N ASN B 513 -8.63 -38.06 0.70
CA ASN B 513 -7.95 -39.14 -0.04
C ASN B 513 -7.03 -38.62 -1.15
N THR B 514 -6.22 -37.62 -0.85
CA THR B 514 -5.31 -37.13 -1.88
C THR B 514 -4.05 -38.03 -1.98
N PRO B 515 -3.64 -38.46 -3.20
CA PRO B 515 -2.43 -39.29 -3.31
C PRO B 515 -1.11 -38.50 -3.18
N TRP B 516 -1.18 -37.17 -3.13
CA TRP B 516 -0.04 -36.28 -2.96
C TRP B 516 -0.52 -34.99 -2.31
N LEU B 517 0.39 -34.31 -1.63
CA LEU B 517 0.14 -33.04 -0.96
C LEU B 517 1.40 -32.16 -1.10
PA NAD C . -6.93 -0.97 19.52
O1A NAD C . -7.18 -0.72 18.07
O2A NAD C . -7.13 0.25 20.35
O5B NAD C . -5.48 -1.52 19.82
C5B NAD C . -4.61 -2.27 18.95
C4B NAD C . -3.19 -1.80 19.19
O4B NAD C . -3.08 -0.41 18.82
C3B NAD C . -2.64 -1.91 20.61
O3B NAD C . -1.26 -2.30 20.62
C2B NAD C . -2.84 -0.49 21.16
O2B NAD C . -2.01 -0.14 22.25
C1B NAD C . -2.54 0.33 19.90
N9A NAD C . -3.13 1.68 19.87
C8A NAD C . -4.23 2.12 20.54
N7A NAD C . -4.46 3.41 20.39
C5A NAD C . -3.47 3.82 19.53
C6A NAD C . -3.18 5.07 18.93
N6A NAD C . -3.85 6.19 19.20
N1A NAD C . -2.14 5.13 18.07
C2A NAD C . -1.42 4.02 17.85
N3A NAD C . -1.57 2.80 18.37
C4A NAD C . -2.63 2.77 19.20
O3 NAD C . -7.96 -2.06 20.10
PN NAD C . -8.66 -2.11 21.54
O1N NAD C . -8.41 -0.85 22.28
O2N NAD C . -8.26 -3.38 22.19
O5D NAD C . -10.19 -2.18 21.12
C5D NAD C . -10.96 -3.38 21.18
C4D NAD C . -11.79 -3.53 19.94
O4D NAD C . -10.94 -3.36 18.77
C3D NAD C . -12.42 -4.90 19.77
O3D NAD C . -13.76 -4.87 20.27
C2D NAD C . -12.33 -5.15 18.27
O2D NAD C . -13.47 -4.65 17.57
C1D NAD C . -11.08 -4.34 17.80
N1N NAD C . -9.79 -5.23 17.74
C2N NAD C . -9.50 -5.79 16.49
C3N NAD C . -8.52 -6.75 16.35
C7N NAD C . -8.14 -7.30 14.99
O7N NAD C . -7.48 -8.36 14.90
N7N NAD C . -8.62 -6.69 13.92
C4N NAD C . -7.81 -7.16 17.49
C5N NAD C . -8.07 -6.56 18.72
C6N NAD C . -9.06 -5.58 18.82
C1 EDO D . -16.49 -19.61 35.33
O1 EDO D . -15.33 -20.16 36.00
C2 EDO D . -17.58 -20.69 35.12
O2 EDO D . -18.85 -20.10 34.83
C1 PEG E . -25.83 -33.33 27.04
O1 PEG E . -24.48 -33.63 27.38
C2 PEG E . -25.91 -32.28 25.98
O2 PEG E . -26.87 -32.63 24.99
C3 PEG E . -26.81 -31.81 23.83
C4 PEG E . -26.21 -32.57 22.67
O4 PEG E . -25.94 -31.72 21.56
C1 EDO F . -16.29 -9.28 6.78
O1 EDO F . -15.41 -9.61 7.85
C2 EDO F . -16.29 -10.42 5.74
O2 EDO F . -17.14 -10.12 4.63
C1 PEG G . -26.04 -24.98 -8.99
O1 PEG G . -26.83 -25.85 -8.19
C2 PEG G . -26.49 -24.99 -10.42
O2 PEG G . -25.80 -23.99 -11.19
C3 PEG G . -25.03 -24.54 -12.25
C4 PEG G . -25.87 -24.86 -13.45
O4 PEG G . -25.40 -26.06 -14.09
C1 EDO H . 15.63 -11.22 -19.98
O1 EDO H . 16.19 -11.95 -18.92
C2 EDO H . 14.18 -10.95 -19.60
O2 EDO H . 13.58 -10.09 -20.52
C1 PEG I . -19.21 -41.09 -6.08
O1 PEG I . -19.62 -42.01 -5.08
C2 PEG I . -20.34 -40.27 -6.60
O2 PEG I . -20.50 -39.10 -5.82
C3 PEG I . -21.36 -38.15 -6.44
C4 PEG I . -21.90 -37.21 -5.41
O4 PEG I . -22.90 -37.81 -4.60
C1 EDO J . -27.40 -26.18 -3.46
O1 EDO J . -27.25 -27.30 -4.33
C2 EDO J . -28.15 -25.05 -4.21
O2 EDO J . -28.35 -23.91 -3.39
NA NA K . -3.31 -9.00 30.56
C1 PEG L . -8.20 -20.15 14.92
O1 PEG L . -7.42 -20.85 15.87
C2 PEG L . -7.87 -18.69 14.91
O2 PEG L . -6.47 -18.50 14.79
C3 PEG L . -6.13 -17.25 14.21
C4 PEG L . -4.66 -17.13 14.02
O4 PEG L . -4.13 -18.21 13.26
CA CA M . -8.42 1.51 22.17
C1 EDO N . -15.76 2.85 12.80
O1 EDO N . -16.09 2.28 11.53
C2 EDO N . -15.28 4.30 12.59
O2 EDO N . -14.03 4.45 13.23
PA NAD O . -0.75 19.58 -6.76
O1A NAD O . -0.20 18.55 -5.85
O2A NAD O . -1.51 20.66 -5.98
O5B NAD O . -1.73 19.00 -7.84
C5B NAD O . -1.77 17.64 -8.35
C4B NAD O . -3.22 17.24 -8.55
O4B NAD O . -3.88 17.19 -7.26
C3B NAD O . -4.08 18.14 -9.43
O3B NAD O . -4.99 17.37 -10.21
C2B NAD O . -4.81 19.02 -8.41
O2B NAD O . -6.03 19.60 -8.86
C1B NAD O . -5.03 18.00 -7.29
N9A NAD O . -5.24 18.56 -5.95
C8A NAD O . -4.81 19.77 -5.47
N7A NAD O . -5.22 20.03 -4.25
C5A NAD O . -5.95 18.91 -3.90
C6A NAD O . -6.60 18.53 -2.71
N6A NAD O . -6.71 19.33 -1.64
N1A NAD O . -7.19 17.31 -2.66
C2A NAD O . -7.12 16.52 -3.74
N3A NAD O . -6.55 16.77 -4.92
C4A NAD O . -5.97 17.99 -4.94
O3 NAD O . 0.38 20.37 -7.57
PN NAD O . 0.45 21.92 -7.96
O1N NAD O . -0.64 22.67 -7.30
O2N NAD O . 0.57 22.02 -9.43
O5D NAD O . 1.85 22.35 -7.30
C5D NAD O . 3.05 22.55 -8.08
C4D NAD O . 4.21 21.90 -7.38
O4D NAD O . 3.87 20.53 -7.04
C3D NAD O . 5.47 21.80 -8.24
O3D NAD O . 6.33 22.90 -8.01
C2D NAD O . 6.04 20.43 -7.85
O2D NAD O . 6.92 20.53 -6.74
C1D NAD O . 4.81 19.57 -7.40
N1N NAD O . 4.27 18.69 -8.58
C2N NAD O . 4.76 17.36 -8.60
C3N NAD O . 4.50 16.54 -9.68
C7N NAD O . 4.93 15.08 -9.70
O7N NAD O . 4.94 14.46 -10.77
N7N NAD O . 5.38 14.56 -8.57
C4N NAD O . 3.76 17.05 -10.75
C5N NAD O . 3.25 18.34 -10.69
C6N NAD O . 3.50 19.14 -9.58
C1 EDO P . 29.95 -4.91 -7.94
O1 EDO P . 30.73 -5.97 -8.37
C2 EDO P . 30.60 -4.32 -6.71
O2 EDO P . 29.73 -3.46 -6.05
C1 EDO Q . -16.92 -35.84 2.52
O1 EDO Q . -16.63 -36.68 3.61
C2 EDO Q . -15.91 -36.10 1.38
O2 EDO Q . -16.26 -37.27 0.64
NA NA R . -3.21 25.40 -19.51
C1 EDO S . -23.79 -11.42 -11.63
O1 EDO S . -24.62 -12.55 -11.90
C2 EDO S . -22.85 -11.29 -12.81
O2 EDO S . -23.55 -11.23 -14.05
C1 EDO T . -17.39 9.00 7.03
O1 EDO T . -17.19 10.34 7.46
C2 EDO T . -16.49 8.05 7.86
O2 EDO T . -16.65 8.28 9.25
#